data_3G8E
#
_entry.id   3G8E
#
_cell.length_a   83.316
_cell.length_b   107.406
_cell.length_c   120.195
_cell.angle_alpha   90.00
_cell.angle_beta   90.00
_cell.angle_gamma   90.00
#
_symmetry.space_group_name_H-M   'P 21 21 21'
#
loop_
_entity.id
_entity.type
_entity.pdbx_description
1 polymer 'Nicotinamide phosphoribosyltransferase'
2 non-polymer 3-[(1E)-3-oxo-3-({4-[1-(phenylcarbonyl)piperidin-4-yl]butyl}amino)prop-1-en-1-yl]-1-beta-D-ribofuranosylpyridinium
#
_entity_poly.entity_id   1
_entity_poly.type   'polypeptide(L)'
_entity_poly.pdbx_seq_one_letter_code
;MNAAAEAEFNILLATDSYKVTHYKQYPPNTSKVYSYFECREKKTENSKVRKVKYEETVFYGLQYILNKYLKGKVVTKEKI
QEAKEVYREHFQDDVFNERGWNYILEKYDGHLPIEVKAVPEGSVIPRGNVLFTVENTDPECYWLTNWIETILVQSWYPIT
VATNSREQKKILAKYLLETSGNLDGLEYKLHDFGYRGVSSQETAGIGASAHLVNFKGTDTVAGIALIKKYYGTKDPVPGY
SVPAAEHSTITAWGKDHEKDAFEHIVTQFSSVPVSVVSDSYDIYNACEKIWGEDLRHLIVSRSTEAPLIIRPDSGNPLDT
VLKVLDILGKKFPVSENSKGYKLLPPYLRVIQGDGVDINTLQEIVEGMKQKKWSIENVSFGSGGALLQKLTRDLLNCSFK
CSYVVTNGLGVNVFKDPVADPNKRSKKGRLSLHRTPAGTFVTLEEGKGDLEEYGHDLLHTVFKNGKVTKSYSFDEVRKNA
QLNMEQDVAPH
;
_entity_poly.pdbx_strand_id   A,B
#
loop_
_chem_comp.id
_chem_comp.type
_chem_comp.name
_chem_comp.formula
IS1 non-polymer 3-[(1E)-3-oxo-3-({4-[1-(phenylcarbonyl)piperidin-4-yl]butyl}amino)prop-1-en-1-yl]-1-beta-D-ribofuranosylpyridinium 'C29 H38 N3 O6 1'
#
# COMPACT_ATOMS: atom_id res chain seq x y z
N PHE A 9 -4.67 -0.22 19.65
CA PHE A 9 -3.20 -0.47 19.46
C PHE A 9 -2.39 0.55 20.26
N ASN A 10 -2.53 1.84 19.93
CA ASN A 10 -1.82 2.90 20.62
C ASN A 10 -1.80 4.16 19.80
N ILE A 11 -2.83 5.00 20.00
CA ILE A 11 -2.91 6.26 19.25
C ILE A 11 -1.75 7.15 19.61
N LEU A 12 -1.18 6.93 20.78
CA LEU A 12 -0.06 7.75 21.23
C LEU A 12 1.13 7.60 20.33
N LEU A 13 1.11 6.59 19.47
CA LEU A 13 2.20 6.40 18.52
C LEU A 13 1.70 6.08 17.12
N ALA A 14 0.50 6.58 16.83
CA ALA A 14 -0.17 6.37 15.52
C ALA A 14 -0.06 7.74 14.86
N THR A 15 1.03 8.43 15.12
CA THR A 15 1.13 9.76 14.54
C THR A 15 2.53 9.91 14.01
N ASP A 16 2.74 10.94 13.22
CA ASP A 16 4.08 11.19 12.69
C ASP A 16 4.97 11.81 13.78
N SER A 17 5.93 11.03 14.22
CA SER A 17 6.86 11.44 15.28
C SER A 17 7.05 12.93 15.56
N TYR A 18 7.37 13.69 14.53
CA TYR A 18 7.61 15.06 14.79
C TYR A 18 6.41 15.82 15.33
N LYS A 19 5.37 15.08 15.67
CA LYS A 19 4.19 15.77 16.15
C LYS A 19 4.08 15.77 17.63
N VAL A 20 4.70 14.74 18.17
CA VAL A 20 4.78 14.55 19.57
C VAL A 20 5.28 15.91 20.07
N THR A 21 5.93 16.64 19.17
CA THR A 21 6.53 17.96 19.49
C THR A 21 5.67 19.19 19.19
N HIS A 22 4.74 19.07 18.25
CA HIS A 22 3.92 20.22 17.88
C HIS A 22 3.17 20.98 18.97
N TYR A 23 2.81 20.32 20.06
CA TYR A 23 2.07 20.99 21.14
C TYR A 23 2.79 22.18 21.79
N LYS A 24 4.03 22.43 21.39
CA LYS A 24 4.80 23.52 21.97
C LYS A 24 5.17 24.58 20.96
N GLN A 25 4.63 24.46 19.75
CA GLN A 25 4.94 25.41 18.69
C GLN A 25 3.73 26.24 18.31
N TYR A 26 2.57 25.87 18.85
CA TYR A 26 1.36 26.61 18.53
C TYR A 26 1.44 27.96 19.14
N PRO A 27 0.87 28.99 18.48
CA PRO A 27 1.03 30.22 19.22
C PRO A 27 0.48 29.97 20.61
N PRO A 28 0.80 30.86 21.53
CA PRO A 28 0.30 30.67 22.91
C PRO A 28 -1.13 31.20 23.06
N ASN A 29 -1.85 30.66 24.04
CA ASN A 29 -3.17 31.15 24.27
C ASN A 29 -4.12 30.80 23.17
N THR A 30 -3.82 29.65 22.61
CA THR A 30 -4.58 29.10 21.53
C THR A 30 -5.54 28.09 22.13
N SER A 31 -6.81 28.19 21.78
CA SER A 31 -7.77 27.31 22.35
C SER A 31 -8.44 26.40 21.34
N LYS A 32 -8.29 26.75 20.09
CA LYS A 32 -8.93 25.97 19.05
C LYS A 32 -8.17 25.89 17.75
N VAL A 33 -8.08 24.66 17.25
CA VAL A 33 -7.44 24.45 15.98
C VAL A 33 -8.40 23.54 15.25
N TYR A 34 -8.90 24.07 14.15
CA TYR A 34 -9.87 23.37 13.36
C TYR A 34 -9.22 23.07 12.01
N SER A 35 -9.18 21.77 11.70
CA SER A 35 -8.59 21.28 10.48
C SER A 35 -9.60 20.71 9.48
N TYR A 36 -9.27 20.75 8.19
CA TYR A 36 -10.18 20.23 7.21
C TYR A 36 -9.49 19.29 6.22
N PHE A 37 -10.26 18.46 5.51
CA PHE A 37 -9.68 17.50 4.57
C PHE A 37 -10.18 17.73 3.16
N GLU A 38 -9.36 17.43 2.15
CA GLU A 38 -9.82 17.60 0.77
C GLU A 38 -9.00 16.94 -0.31
N CYS A 39 -9.49 17.07 -1.55
CA CYS A 39 -8.84 16.52 -2.74
C CYS A 39 -8.62 17.65 -3.72
N ARG A 40 -7.62 18.47 -3.40
CA ARG A 40 -7.22 19.61 -4.19
C ARG A 40 -7.13 19.51 -5.71
N GLU A 41 -7.80 20.43 -6.39
CA GLU A 41 -7.70 20.46 -7.81
C GLU A 41 -6.23 20.44 -8.09
N TYR A 54 -9.89 12.38 -13.08
CA TYR A 54 -10.45 12.30 -11.73
C TYR A 54 -10.88 13.68 -11.25
N GLU A 55 -12.17 14.00 -11.32
CA GLU A 55 -12.58 15.32 -10.87
C GLU A 55 -13.74 15.28 -9.91
N GLU A 56 -14.08 14.09 -9.47
CA GLU A 56 -15.13 13.95 -8.49
C GLU A 56 -14.77 12.65 -7.81
N THR A 57 -14.54 12.77 -6.50
CA THR A 57 -14.13 11.67 -5.68
C THR A 57 -15.27 10.99 -4.97
N VAL A 58 -15.04 9.73 -4.63
CA VAL A 58 -16.02 8.96 -3.89
C VAL A 58 -15.54 8.98 -2.45
N PHE A 59 -16.18 9.78 -1.60
CA PHE A 59 -15.71 9.83 -0.23
C PHE A 59 -16.13 8.60 0.58
N TYR A 60 -15.23 7.62 0.66
CA TYR A 60 -15.52 6.40 1.40
C TYR A 60 -14.37 5.87 2.27
N GLY A 61 -14.65 5.53 3.53
CA GLY A 61 -13.60 4.98 4.33
C GLY A 61 -13.36 5.59 5.69
N LEU A 62 -13.77 6.85 5.89
CA LEU A 62 -13.54 7.49 7.18
C LEU A 62 -14.19 6.77 8.33
N GLN A 63 -15.37 6.19 8.08
CA GLN A 63 -16.10 5.47 9.11
C GLN A 63 -15.41 4.21 9.63
N TYR A 64 -14.43 3.73 8.88
CA TYR A 64 -13.68 2.55 9.30
C TYR A 64 -12.71 3.01 10.39
N ILE A 65 -11.72 3.76 9.96
CA ILE A 65 -10.69 4.30 10.81
C ILE A 65 -11.25 4.84 12.14
N LEU A 66 -12.45 5.40 12.11
CA LEU A 66 -13.06 5.97 13.31
C LEU A 66 -13.35 4.89 14.36
N ASN A 67 -14.09 3.87 13.94
CA ASN A 67 -14.47 2.77 14.83
C ASN A 67 -13.24 1.98 15.26
N LYS A 68 -12.43 1.63 14.29
CA LYS A 68 -11.26 0.82 14.55
C LYS A 68 -10.10 1.53 15.24
N TYR A 69 -10.14 2.85 15.37
CA TYR A 69 -9.01 3.52 15.98
C TYR A 69 -9.28 4.66 16.93
N LEU A 70 -10.31 5.44 16.66
CA LEU A 70 -10.62 6.59 17.48
C LEU A 70 -11.75 6.38 18.48
N LYS A 71 -12.88 5.84 18.03
CA LYS A 71 -14.01 5.65 18.93
C LYS A 71 -13.58 5.02 20.27
N GLY A 72 -14.46 5.12 21.26
CA GLY A 72 -14.22 4.57 22.58
C GLY A 72 -13.10 5.15 23.42
N LYS A 73 -12.73 4.41 24.45
CA LYS A 73 -11.68 4.78 25.38
C LYS A 73 -10.34 4.42 24.72
N VAL A 74 -9.49 5.41 24.47
CA VAL A 74 -8.23 5.10 23.82
C VAL A 74 -6.95 5.50 24.53
N VAL A 75 -7.06 6.03 25.75
CA VAL A 75 -5.86 6.39 26.49
C VAL A 75 -5.83 5.59 27.78
N THR A 76 -4.66 5.10 28.18
CA THR A 76 -4.54 4.34 29.42
C THR A 76 -3.23 4.59 30.15
N LYS A 77 -3.29 4.48 31.46
CA LYS A 77 -2.12 4.64 32.29
C LYS A 77 -0.97 3.90 31.61
N GLU A 78 -1.29 2.76 31.01
CA GLU A 78 -0.27 1.96 30.36
C GLU A 78 0.24 2.51 29.02
N LYS A 79 -0.65 3.08 28.22
CA LYS A 79 -0.25 3.61 26.92
C LYS A 79 0.51 4.91 27.04
N ILE A 80 0.22 5.67 28.10
CA ILE A 80 0.90 6.93 28.33
C ILE A 80 2.31 6.55 28.75
N GLN A 81 2.44 5.37 29.36
CA GLN A 81 3.72 4.88 29.81
C GLN A 81 4.50 4.27 28.66
N GLU A 82 3.81 3.57 27.75
CA GLU A 82 4.46 2.95 26.60
C GLU A 82 5.02 4.08 25.72
N ALA A 83 4.16 5.05 25.42
CA ALA A 83 4.49 6.22 24.59
C ALA A 83 5.81 6.84 25.02
N LYS A 84 5.82 7.47 26.19
CA LYS A 84 7.07 8.04 26.68
C LYS A 84 7.89 6.77 26.85
N GLU A 85 9.18 6.87 27.13
CA GLU A 85 9.97 5.65 27.28
C GLU A 85 10.25 5.13 25.89
N VAL A 86 9.36 5.46 24.95
CA VAL A 86 9.52 5.11 23.54
C VAL A 86 9.82 6.44 22.88
N TYR A 87 8.91 7.40 23.00
CA TYR A 87 9.12 8.74 22.46
C TYR A 87 10.12 9.33 23.42
N ARG A 88 11.15 8.55 23.72
CA ARG A 88 12.17 8.96 24.64
C ARG A 88 13.47 8.34 24.13
N GLU A 89 13.37 7.08 23.72
CA GLU A 89 14.52 6.42 23.14
C GLU A 89 14.60 7.07 21.77
N HIS A 90 13.44 7.18 21.15
CA HIS A 90 13.26 7.75 19.83
C HIS A 90 13.87 9.13 19.73
N PHE A 91 13.37 10.04 20.55
CA PHE A 91 13.84 11.40 20.55
C PHE A 91 15.09 11.66 21.36
N GLN A 92 15.56 10.67 22.11
CA GLN A 92 16.74 10.89 22.97
C GLN A 92 16.37 12.15 23.75
N ASP A 93 15.19 12.16 24.35
CA ASP A 93 14.71 13.32 25.07
C ASP A 93 13.24 13.17 25.47
N ASP A 94 12.85 13.79 26.58
CA ASP A 94 11.47 13.72 27.03
C ASP A 94 10.75 14.96 26.51
N VAL A 95 9.94 14.79 25.46
CA VAL A 95 9.21 15.90 24.87
C VAL A 95 7.74 15.55 24.78
N PHE A 96 7.47 14.25 24.85
CA PHE A 96 6.11 13.74 24.77
C PHE A 96 5.21 14.45 25.76
N ASN A 97 4.01 14.84 25.30
CA ASN A 97 3.05 15.54 26.13
C ASN A 97 2.37 14.62 27.15
N GLU A 98 3.16 14.08 28.07
CA GLU A 98 2.61 13.19 29.09
C GLU A 98 1.62 13.91 29.99
N ARG A 99 1.74 15.23 30.09
CA ARG A 99 0.82 15.98 30.95
C ARG A 99 -0.56 16.09 30.33
N GLY A 100 -0.60 16.58 29.09
CA GLY A 100 -1.85 16.76 28.39
C GLY A 100 -2.57 15.50 27.96
N TRP A 101 -1.91 14.36 28.04
CA TRP A 101 -2.57 13.13 27.66
C TRP A 101 -3.39 12.57 28.81
N ASN A 102 -2.90 12.75 30.04
CA ASN A 102 -3.61 12.27 31.23
C ASN A 102 -4.83 13.14 31.44
N TYR A 103 -4.75 14.37 30.95
CA TYR A 103 -5.88 15.26 31.07
C TYR A 103 -7.02 14.43 30.49
N ILE A 104 -6.75 13.88 29.32
CA ILE A 104 -7.71 13.07 28.60
C ILE A 104 -8.07 11.76 29.30
N LEU A 105 -7.16 11.22 30.11
CA LEU A 105 -7.47 9.98 30.80
C LEU A 105 -8.26 10.28 32.07
N GLU A 106 -7.84 11.34 32.76
CA GLU A 106 -8.45 11.76 34.00
C GLU A 106 -9.83 12.39 33.86
N LYS A 107 -10.07 13.07 32.74
CA LYS A 107 -11.34 13.75 32.54
C LYS A 107 -12.42 13.06 31.71
N TYR A 108 -12.06 12.59 30.53
CA TYR A 108 -13.02 11.93 29.64
C TYR A 108 -12.74 10.44 29.56
N ASP A 109 -12.09 9.92 30.59
CA ASP A 109 -11.77 8.50 30.66
C ASP A 109 -11.28 8.02 29.30
N GLY A 110 -10.22 8.66 28.81
CA GLY A 110 -9.61 8.28 27.54
C GLY A 110 -10.37 8.45 26.25
N HIS A 111 -11.43 9.25 26.26
CA HIS A 111 -12.18 9.48 25.05
C HIS A 111 -11.64 10.76 24.47
N LEU A 112 -11.29 10.73 23.19
CA LEU A 112 -10.75 11.92 22.55
C LEU A 112 -11.83 12.99 22.43
N PRO A 113 -11.51 14.24 22.85
CA PRO A 113 -12.45 15.36 22.77
C PRO A 113 -12.31 16.15 21.46
N ILE A 114 -12.77 15.53 20.37
CA ILE A 114 -12.69 16.13 19.05
C ILE A 114 -13.99 15.87 18.29
N GLU A 115 -14.39 16.82 17.45
CA GLU A 115 -15.62 16.67 16.69
C GLU A 115 -15.24 16.42 15.27
N VAL A 116 -15.99 15.56 14.61
CA VAL A 116 -15.67 15.26 13.24
C VAL A 116 -16.89 15.37 12.32
N LYS A 117 -16.85 16.34 11.42
CA LYS A 117 -17.93 16.56 10.47
C LYS A 117 -17.47 15.98 9.14
N ALA A 118 -18.32 15.19 8.51
CA ALA A 118 -18.00 14.57 7.23
C ALA A 118 -19.18 14.63 6.26
N VAL A 119 -19.09 13.94 5.12
CA VAL A 119 -20.21 13.91 4.18
C VAL A 119 -20.77 12.49 4.19
N PRO A 120 -22.05 12.30 3.82
CA PRO A 120 -22.59 10.94 3.82
C PRO A 120 -21.62 10.02 3.10
N GLU A 121 -21.26 8.89 3.70
CA GLU A 121 -20.31 8.00 3.04
C GLU A 121 -20.83 7.54 1.66
N GLY A 122 -19.93 7.54 0.68
CA GLY A 122 -20.30 7.14 -0.67
C GLY A 122 -20.54 8.34 -1.57
N SER A 123 -20.73 9.49 -0.93
CA SER A 123 -20.99 10.71 -1.63
C SER A 123 -19.95 10.94 -2.70
N VAL A 124 -20.43 11.29 -3.90
CA VAL A 124 -19.54 11.56 -5.02
C VAL A 124 -19.44 13.07 -5.24
N ILE A 125 -18.52 13.69 -4.51
CA ILE A 125 -18.30 15.14 -4.56
C ILE A 125 -17.10 15.57 -5.39
N PRO A 126 -17.29 16.57 -6.28
CA PRO A 126 -16.27 17.13 -7.17
C PRO A 126 -15.00 17.56 -6.41
N ARG A 127 -14.04 18.17 -7.10
CA ARG A 127 -12.80 18.52 -6.42
C ARG A 127 -12.63 19.93 -5.90
N GLY A 128 -11.79 20.03 -4.87
CA GLY A 128 -11.52 21.30 -4.22
C GLY A 128 -12.60 21.53 -3.20
N ASN A 129 -13.37 20.49 -2.94
CA ASN A 129 -14.45 20.57 -1.99
C ASN A 129 -14.13 19.92 -0.63
N VAL A 130 -14.72 20.48 0.43
CA VAL A 130 -14.53 19.99 1.79
C VAL A 130 -15.25 18.66 1.97
N LEU A 131 -14.55 17.71 2.56
CA LEU A 131 -15.14 16.42 2.76
C LEU A 131 -15.34 16.14 4.25
N PHE A 132 -14.38 16.56 5.07
CA PHE A 132 -14.51 16.38 6.50
C PHE A 132 -13.60 17.34 7.25
N THR A 133 -13.95 17.60 8.50
CA THR A 133 -13.19 18.52 9.33
C THR A 133 -12.95 17.94 10.71
N VAL A 134 -11.95 18.50 11.39
CA VAL A 134 -11.63 18.06 12.73
C VAL A 134 -11.28 19.27 13.56
N GLU A 135 -11.93 19.38 14.72
CA GLU A 135 -11.71 20.47 15.68
C GLU A 135 -11.78 19.84 17.08
N ASN A 136 -11.07 20.43 18.02
CA ASN A 136 -11.04 19.94 19.39
C ASN A 136 -12.24 20.49 20.15
N THR A 137 -12.78 19.69 21.07
CA THR A 137 -13.93 20.13 21.87
C THR A 137 -13.49 20.85 23.13
N ASP A 138 -12.34 20.43 23.67
CA ASP A 138 -11.81 21.02 24.89
C ASP A 138 -10.61 21.92 24.59
N PRO A 139 -10.63 23.15 25.12
CA PRO A 139 -9.55 24.12 24.91
C PRO A 139 -8.20 23.74 25.52
N GLU A 140 -8.13 22.59 26.17
CA GLU A 140 -6.87 22.16 26.74
C GLU A 140 -6.27 21.16 25.75
N CYS A 141 -7.15 20.66 24.90
CA CYS A 141 -6.78 19.69 23.87
C CYS A 141 -6.63 20.28 22.48
N TYR A 142 -6.22 21.54 22.43
CA TYR A 142 -6.02 22.21 21.16
C TYR A 142 -5.03 21.42 20.32
N TRP A 143 -4.08 20.79 20.98
CA TRP A 143 -3.06 20.03 20.29
C TRP A 143 -3.54 18.74 19.62
N LEU A 144 -4.67 18.20 20.08
CA LEU A 144 -5.16 16.94 19.55
C LEU A 144 -5.54 16.89 18.06
N THR A 145 -6.35 17.84 17.60
CA THR A 145 -6.77 17.87 16.21
C THR A 145 -5.73 17.25 15.29
N ASN A 146 -4.66 17.98 15.03
CA ASN A 146 -3.63 17.49 14.13
C ASN A 146 -2.92 16.23 14.61
N TRP A 147 -2.98 15.93 15.89
CA TRP A 147 -2.32 14.71 16.34
C TRP A 147 -2.87 13.56 15.51
N ILE A 148 -4.18 13.61 15.28
CA ILE A 148 -4.88 12.58 14.53
C ILE A 148 -4.88 12.82 13.04
N GLU A 149 -4.12 13.81 12.61
CA GLU A 149 -4.05 14.11 11.19
C GLU A 149 -3.70 12.82 10.46
N THR A 150 -2.53 12.30 10.76
CA THR A 150 -2.01 11.08 10.14
C THR A 150 -3.02 9.95 9.95
N ILE A 151 -3.33 9.27 11.04
CA ILE A 151 -4.26 8.14 11.04
C ILE A 151 -5.48 8.45 10.17
N LEU A 152 -6.01 9.66 10.31
CA LEU A 152 -7.19 10.08 9.59
C LEU A 152 -6.94 10.38 8.13
N VAL A 153 -5.71 10.71 7.77
CA VAL A 153 -5.43 11.02 6.38
C VAL A 153 -5.28 9.80 5.49
N GLN A 154 -4.96 8.65 6.10
CA GLN A 154 -4.82 7.40 5.34
C GLN A 154 -6.16 6.99 4.71
N SER A 155 -7.03 7.97 4.47
CA SER A 155 -8.33 7.73 3.85
C SER A 155 -8.14 8.02 2.38
N TRP A 156 -7.05 8.73 2.10
CA TRP A 156 -6.73 9.02 0.72
C TRP A 156 -6.80 7.66 0.03
N TYR A 157 -6.69 6.58 0.81
CA TYR A 157 -6.70 5.25 0.25
C TYR A 157 -8.07 4.66 -0.10
N PRO A 158 -8.85 4.23 0.90
CA PRO A 158 -10.16 3.66 0.55
C PRO A 158 -10.81 4.48 -0.55
N ILE A 159 -10.60 5.80 -0.45
CA ILE A 159 -11.15 6.79 -1.38
C ILE A 159 -10.61 6.69 -2.82
N THR A 160 -9.30 6.57 -2.95
CA THR A 160 -8.71 6.47 -4.26
C THR A 160 -9.06 5.13 -4.87
N VAL A 161 -9.09 4.07 -4.06
CA VAL A 161 -9.43 2.76 -4.61
C VAL A 161 -10.82 2.91 -5.16
N ALA A 162 -11.71 3.44 -4.34
CA ALA A 162 -13.09 3.60 -4.77
C ALA A 162 -13.17 4.50 -6.00
N THR A 163 -12.68 5.73 -5.89
CA THR A 163 -12.75 6.65 -7.02
C THR A 163 -12.22 6.07 -8.36
N ASN A 164 -10.96 5.69 -8.37
CA ASN A 164 -10.36 5.11 -9.55
C ASN A 164 -11.09 3.86 -10.04
N SER A 165 -11.69 3.12 -9.12
CA SER A 165 -12.40 1.89 -9.47
C SER A 165 -13.74 2.18 -10.14
N ARG A 166 -14.37 3.25 -9.68
CA ARG A 166 -15.66 3.74 -10.16
C ARG A 166 -15.53 4.39 -11.56
N GLU A 167 -14.35 4.94 -11.82
CA GLU A 167 -14.10 5.56 -13.11
C GLU A 167 -13.97 4.48 -14.18
N GLN A 168 -13.53 3.30 -13.79
CA GLN A 168 -13.38 2.21 -14.76
C GLN A 168 -14.74 1.64 -15.08
N LYS A 169 -15.69 1.85 -14.18
CA LYS A 169 -17.04 1.34 -14.36
C LYS A 169 -17.75 2.18 -15.41
N LYS A 170 -17.59 3.50 -15.32
CA LYS A 170 -18.21 4.38 -16.30
C LYS A 170 -17.73 3.87 -17.66
N ILE A 171 -16.42 3.71 -17.80
CA ILE A 171 -15.85 3.21 -19.03
C ILE A 171 -16.56 1.92 -19.40
N LEU A 172 -16.66 0.99 -18.46
CA LEU A 172 -17.31 -0.27 -18.74
C LEU A 172 -18.76 -0.07 -19.06
N ALA A 173 -19.40 0.77 -18.27
CA ALA A 173 -20.82 1.06 -18.49
C ALA A 173 -21.15 1.54 -19.91
N LYS A 174 -20.49 2.61 -20.32
CA LYS A 174 -20.77 3.19 -21.63
C LYS A 174 -20.41 2.33 -22.82
N TYR A 175 -19.47 1.40 -22.66
CA TYR A 175 -19.13 0.53 -23.76
C TYR A 175 -20.10 -0.64 -23.83
N LEU A 176 -20.51 -1.15 -22.67
CA LEU A 176 -21.45 -2.24 -22.62
C LEU A 176 -22.75 -1.69 -23.25
N LEU A 177 -23.27 -0.63 -22.64
CA LEU A 177 -24.49 0.03 -23.11
C LEU A 177 -24.52 0.24 -24.62
N GLU A 178 -23.49 0.87 -25.14
CA GLU A 178 -23.42 1.16 -26.57
C GLU A 178 -23.29 -0.07 -27.45
N THR A 179 -22.67 -1.09 -26.90
CA THR A 179 -22.45 -2.31 -27.65
C THR A 179 -23.51 -3.40 -27.38
N SER A 180 -24.33 -3.22 -26.34
CA SER A 180 -25.32 -4.24 -26.01
C SER A 180 -26.71 -3.71 -25.74
N GLY A 181 -26.82 -2.43 -25.41
CA GLY A 181 -28.14 -1.89 -25.14
C GLY A 181 -28.51 -1.73 -23.68
N ASN A 182 -27.75 -2.38 -22.81
CA ASN A 182 -28.04 -2.32 -21.38
C ASN A 182 -26.79 -2.49 -20.50
N LEU A 183 -27.02 -2.49 -19.19
CA LEU A 183 -25.95 -2.63 -18.22
C LEU A 183 -25.95 -3.98 -17.52
N ASP A 184 -26.66 -4.94 -18.10
CA ASP A 184 -26.73 -6.29 -17.54
C ASP A 184 -25.35 -6.84 -17.19
N GLY A 185 -25.17 -7.21 -15.92
CA GLY A 185 -23.92 -7.77 -15.44
C GLY A 185 -22.75 -6.78 -15.34
N LEU A 186 -23.05 -5.49 -15.33
CA LEU A 186 -22.01 -4.47 -15.24
C LEU A 186 -21.20 -4.70 -13.98
N GLU A 187 -21.88 -4.66 -12.84
CA GLU A 187 -21.24 -4.83 -11.55
C GLU A 187 -20.34 -6.05 -11.33
N TYR A 188 -20.19 -6.88 -12.36
CA TYR A 188 -19.33 -8.05 -12.23
C TYR A 188 -18.30 -8.05 -13.35
N LYS A 189 -18.00 -6.88 -13.92
CA LYS A 189 -17.07 -6.82 -15.02
C LYS A 189 -15.59 -6.57 -14.68
N LEU A 190 -15.32 -6.08 -13.47
CA LEU A 190 -13.94 -5.82 -13.03
C LEU A 190 -13.76 -6.66 -11.76
N HIS A 191 -12.87 -7.63 -11.80
CA HIS A 191 -12.68 -8.47 -10.63
C HIS A 191 -11.37 -8.11 -9.92
N ASP A 192 -11.46 -7.91 -8.61
CA ASP A 192 -10.28 -7.56 -7.82
C ASP A 192 -9.41 -8.79 -7.50
N PHE A 193 -8.17 -8.76 -8.00
CA PHE A 193 -7.19 -9.83 -7.78
C PHE A 193 -6.15 -9.34 -6.75
N GLY A 194 -6.26 -8.08 -6.40
CA GLY A 194 -5.35 -7.43 -5.47
C GLY A 194 -4.66 -8.15 -4.34
N TYR A 195 -5.37 -9.03 -3.65
CA TYR A 195 -4.80 -9.71 -2.48
C TYR A 195 -3.29 -9.99 -2.37
N ARG A 196 -2.71 -10.63 -3.37
CA ARG A 196 -1.28 -10.91 -3.29
C ARG A 196 -0.49 -9.70 -3.76
N GLY A 197 -1.21 -8.74 -4.34
CA GLY A 197 -0.58 -7.54 -4.87
C GLY A 197 -0.44 -6.37 -3.91
N VAL A 198 -1.09 -6.44 -2.75
CA VAL A 198 -1.02 -5.38 -1.72
C VAL A 198 0.15 -5.55 -0.74
N SER A 199 0.39 -4.51 0.04
CA SER A 199 1.49 -4.54 1.00
C SER A 199 1.14 -5.20 2.33
N SER A 200 0.02 -4.83 2.92
CA SER A 200 -0.35 -5.44 4.19
C SER A 200 -1.46 -6.42 3.98
N GLN A 201 -1.99 -6.88 5.11
CA GLN A 201 -3.13 -7.79 5.16
C GLN A 201 -4.27 -6.82 5.43
N GLU A 202 -4.07 -6.00 6.45
CA GLU A 202 -5.03 -5.00 6.85
C GLU A 202 -5.43 -4.15 5.64
N THR A 203 -4.50 -3.97 4.71
CA THR A 203 -4.76 -3.17 3.51
C THR A 203 -5.58 -3.91 2.46
N ALA A 204 -5.22 -5.14 2.16
CA ALA A 204 -5.97 -5.88 1.16
C ALA A 204 -7.45 -5.77 1.53
N GLY A 205 -7.71 -5.86 2.84
CA GLY A 205 -9.08 -5.79 3.32
C GLY A 205 -9.74 -4.45 3.04
N ILE A 206 -9.06 -3.38 3.43
CA ILE A 206 -9.58 -2.02 3.24
C ILE A 206 -9.86 -1.73 1.75
N GLY A 207 -8.93 -2.12 0.87
CA GLY A 207 -9.09 -1.89 -0.56
C GLY A 207 -10.15 -2.75 -1.22
N ALA A 208 -10.29 -3.98 -0.76
CA ALA A 208 -11.30 -4.86 -1.34
C ALA A 208 -12.67 -4.23 -1.05
N SER A 209 -12.78 -3.57 0.10
CA SER A 209 -14.02 -2.91 0.47
C SER A 209 -14.21 -1.59 -0.28
N ALA A 210 -13.23 -1.19 -1.09
CA ALA A 210 -13.33 0.04 -1.84
C ALA A 210 -13.64 -0.25 -3.31
N HIS A 211 -13.78 -1.53 -3.60
CA HIS A 211 -14.14 -1.98 -4.94
C HIS A 211 -15.61 -2.38 -4.86
N LEU A 212 -15.95 -3.08 -3.77
CA LEU A 212 -17.31 -3.54 -3.55
C LEU A 212 -18.28 -2.35 -3.50
N VAL A 213 -17.75 -1.16 -3.29
CA VAL A 213 -18.61 0.02 -3.28
C VAL A 213 -19.07 0.17 -4.71
N ASN A 214 -18.34 -0.47 -5.62
CA ASN A 214 -18.66 -0.32 -7.02
C ASN A 214 -18.98 -1.60 -7.78
N PHE A 215 -18.24 -2.67 -7.52
CA PHE A 215 -18.48 -3.94 -8.21
C PHE A 215 -18.77 -4.98 -7.13
N LYS A 216 -19.17 -6.19 -7.51
CA LYS A 216 -19.51 -7.24 -6.52
C LYS A 216 -18.56 -8.43 -6.53
N GLY A 217 -17.73 -8.53 -7.55
CA GLY A 217 -16.80 -9.65 -7.64
C GLY A 217 -15.45 -9.37 -7.03
N THR A 218 -15.03 -10.20 -6.09
CA THR A 218 -13.74 -10.01 -5.43
C THR A 218 -13.15 -11.35 -4.95
N ASP A 219 -11.82 -11.47 -5.01
CA ASP A 219 -11.17 -12.69 -4.54
C ASP A 219 -10.59 -12.41 -3.16
N THR A 220 -10.35 -11.14 -2.87
CA THR A 220 -9.85 -10.72 -1.57
C THR A 220 -11.03 -10.94 -0.64
N VAL A 221 -10.94 -11.95 0.22
CA VAL A 221 -12.01 -12.26 1.16
C VAL A 221 -12.01 -11.25 2.29
N ALA A 222 -10.81 -10.88 2.72
CA ALA A 222 -10.64 -9.91 3.78
C ALA A 222 -11.52 -8.69 3.59
N GLY A 223 -11.82 -8.38 2.33
CA GLY A 223 -12.65 -7.23 2.04
C GLY A 223 -14.00 -7.22 2.73
N ILE A 224 -14.69 -8.35 2.72
CA ILE A 224 -16.00 -8.42 3.35
C ILE A 224 -16.00 -8.43 4.86
N ALA A 225 -15.06 -9.15 5.46
CA ALA A 225 -14.99 -9.19 6.92
C ALA A 225 -15.23 -7.75 7.37
N LEU A 226 -14.47 -6.85 6.75
CA LEU A 226 -14.52 -5.42 7.01
C LEU A 226 -15.94 -4.85 6.87
N ILE A 227 -16.48 -4.92 5.66
CA ILE A 227 -17.81 -4.40 5.38
C ILE A 227 -18.80 -4.72 6.48
N LYS A 228 -19.09 -6.00 6.66
CA LYS A 228 -20.05 -6.43 7.65
C LYS A 228 -19.71 -6.17 9.12
N LYS A 229 -18.51 -5.68 9.39
CA LYS A 229 -18.12 -5.42 10.77
C LYS A 229 -18.02 -3.92 11.06
N TYR A 230 -17.84 -3.14 10.01
CA TYR A 230 -17.71 -1.71 10.14
C TYR A 230 -18.81 -0.94 9.42
N TYR A 231 -19.53 -1.62 8.52
CA TYR A 231 -20.59 -0.96 7.73
C TYR A 231 -21.89 -1.74 7.64
N GLY A 232 -21.78 -3.07 7.65
CA GLY A 232 -22.96 -3.90 7.55
C GLY A 232 -23.67 -3.79 6.21
N THR A 233 -24.11 -4.94 5.72
CA THR A 233 -24.86 -5.05 4.47
C THR A 233 -26.02 -5.98 4.80
N LYS A 234 -27.21 -5.60 4.35
CA LYS A 234 -28.39 -6.40 4.59
C LYS A 234 -28.52 -7.41 3.47
N ASP A 235 -27.94 -7.05 2.32
CA ASP A 235 -27.96 -7.88 1.12
C ASP A 235 -27.32 -9.26 1.32
N PRO A 236 -27.64 -10.23 0.42
CA PRO A 236 -27.20 -11.63 0.39
C PRO A 236 -25.76 -11.86 0.81
N VAL A 237 -24.92 -10.88 0.49
CA VAL A 237 -23.48 -10.87 0.79
C VAL A 237 -22.90 -9.84 -0.15
N PRO A 238 -21.96 -9.00 0.34
CA PRO A 238 -21.29 -7.94 -0.44
C PRO A 238 -20.46 -8.26 -1.70
N GLY A 239 -19.75 -9.39 -1.70
CA GLY A 239 -18.95 -9.72 -2.87
C GLY A 239 -18.99 -11.22 -3.11
N TYR A 240 -18.56 -11.66 -4.29
CA TYR A 240 -18.59 -13.08 -4.60
C TYR A 240 -17.41 -13.50 -5.46
N SER A 241 -17.43 -14.76 -5.90
CA SER A 241 -16.39 -15.30 -6.76
C SER A 241 -16.77 -16.70 -7.22
N VAL A 242 -15.97 -17.26 -8.12
CA VAL A 242 -16.22 -18.58 -8.66
C VAL A 242 -14.94 -19.39 -8.65
N PRO A 243 -15.03 -20.68 -8.98
CA PRO A 243 -13.82 -21.51 -9.00
C PRO A 243 -13.05 -21.27 -10.29
N ALA A 244 -11.74 -21.16 -10.17
CA ALA A 244 -10.90 -20.93 -11.32
C ALA A 244 -9.61 -21.72 -11.15
N ALA A 245 -8.83 -21.80 -12.22
CA ALA A 245 -7.57 -22.51 -12.15
C ALA A 245 -6.50 -21.44 -12.02
N GLU A 246 -5.29 -21.86 -11.64
CA GLU A 246 -4.16 -20.95 -11.54
C GLU A 246 -3.05 -21.62 -12.35
N HIS A 247 -1.83 -21.11 -12.28
CA HIS A 247 -0.80 -21.73 -13.10
C HIS A 247 -0.32 -23.10 -12.61
N SER A 248 -0.44 -23.39 -11.32
CA SER A 248 -0.01 -24.67 -10.81
C SER A 248 -1.04 -25.80 -10.92
N THR A 249 -2.33 -25.49 -10.89
CA THR A 249 -3.34 -26.55 -10.99
C THR A 249 -3.45 -26.97 -12.45
N ILE A 250 -2.49 -26.56 -13.25
CA ILE A 250 -2.46 -26.91 -14.67
C ILE A 250 -1.09 -27.45 -15.05
N THR A 251 -0.02 -26.74 -14.69
CA THR A 251 1.30 -27.24 -15.00
C THR A 251 1.65 -28.49 -14.18
N ALA A 252 0.89 -28.74 -13.12
CA ALA A 252 1.11 -29.90 -12.24
C ALA A 252 0.65 -31.23 -12.88
N TRP A 253 0.05 -31.16 -14.06
CA TRP A 253 -0.39 -32.36 -14.75
C TRP A 253 0.68 -32.76 -15.69
N GLY A 254 1.53 -31.80 -16.01
CA GLY A 254 2.59 -32.07 -16.95
C GLY A 254 2.52 -31.27 -18.22
N LYS A 255 3.70 -31.01 -18.76
CA LYS A 255 3.86 -30.25 -19.98
C LYS A 255 2.90 -30.71 -21.06
N ASP A 256 2.81 -32.02 -21.24
CA ASP A 256 1.96 -32.60 -22.27
C ASP A 256 0.58 -33.03 -21.83
N HIS A 257 0.02 -32.40 -20.80
CA HIS A 257 -1.32 -32.77 -20.35
C HIS A 257 -2.19 -31.57 -20.05
N GLU A 258 -1.90 -30.44 -20.68
CA GLU A 258 -2.69 -29.21 -20.47
C GLU A 258 -4.14 -29.63 -20.64
N LYS A 259 -4.37 -30.42 -21.67
CA LYS A 259 -5.71 -30.90 -21.99
C LYS A 259 -6.31 -31.80 -20.92
N ASP A 260 -5.47 -32.51 -20.18
CA ASP A 260 -5.99 -33.37 -19.14
C ASP A 260 -6.55 -32.53 -18.01
N ALA A 261 -5.83 -31.46 -17.66
CA ALA A 261 -6.29 -30.57 -16.59
C ALA A 261 -7.49 -29.77 -17.12
N PHE A 262 -7.31 -29.09 -18.25
CA PHE A 262 -8.40 -28.32 -18.86
C PHE A 262 -9.69 -29.11 -18.66
N GLU A 263 -9.63 -30.38 -19.00
CA GLU A 263 -10.75 -31.28 -18.91
C GLU A 263 -11.12 -31.69 -17.49
N HIS A 264 -10.13 -31.95 -16.65
CA HIS A 264 -10.43 -32.34 -15.29
C HIS A 264 -10.98 -31.18 -14.49
N ILE A 265 -10.86 -29.97 -15.01
CA ILE A 265 -11.32 -28.82 -14.26
C ILE A 265 -12.71 -28.35 -14.71
N VAL A 266 -13.18 -28.87 -15.83
CA VAL A 266 -14.49 -28.46 -16.32
C VAL A 266 -15.50 -29.60 -16.29
N THR A 267 -15.26 -30.55 -15.38
CA THR A 267 -16.14 -31.69 -15.17
C THR A 267 -16.34 -31.64 -13.66
N GLN A 268 -15.34 -31.08 -13.00
CA GLN A 268 -15.36 -30.89 -11.57
C GLN A 268 -16.35 -29.77 -11.39
N PHE A 269 -16.07 -28.69 -12.08
CA PHE A 269 -16.92 -27.52 -12.03
C PHE A 269 -17.88 -27.51 -13.19
N SER A 270 -18.29 -28.71 -13.60
CA SER A 270 -19.31 -28.85 -14.62
C SER A 270 -20.35 -27.96 -13.94
N SER A 271 -20.40 -28.13 -12.63
CA SER A 271 -21.28 -27.42 -11.71
C SER A 271 -21.65 -25.97 -12.07
N VAL A 272 -20.79 -25.04 -11.64
CA VAL A 272 -21.00 -23.61 -11.84
C VAL A 272 -20.11 -22.99 -12.93
N PRO A 273 -20.06 -21.64 -13.00
CA PRO A 273 -19.20 -21.00 -14.01
C PRO A 273 -17.77 -21.30 -13.58
N VAL A 274 -16.83 -21.36 -14.53
CA VAL A 274 -15.46 -21.67 -14.14
C VAL A 274 -14.43 -21.05 -15.07
N SER A 275 -13.39 -20.49 -14.45
CA SER A 275 -12.32 -19.81 -15.16
C SER A 275 -11.05 -20.65 -15.20
N VAL A 276 -10.44 -20.75 -16.39
CA VAL A 276 -9.23 -21.56 -16.53
C VAL A 276 -8.04 -20.87 -17.25
N VAL A 277 -6.94 -20.70 -16.53
CA VAL A 277 -5.74 -20.09 -17.11
C VAL A 277 -5.46 -20.81 -18.41
N SER A 278 -5.44 -20.07 -19.51
CA SER A 278 -5.20 -20.71 -20.78
C SER A 278 -3.86 -20.33 -21.41
N ASP A 279 -2.98 -19.71 -20.64
CA ASP A 279 -1.68 -19.30 -21.16
C ASP A 279 -0.47 -19.91 -20.46
N SER A 280 -0.57 -21.16 -20.03
CA SER A 280 0.55 -21.79 -19.37
C SER A 280 1.63 -21.91 -20.43
N TYR A 281 1.22 -22.47 -21.57
CA TYR A 281 2.06 -22.66 -22.75
C TYR A 281 1.13 -22.11 -23.85
N ASP A 282 1.70 -21.47 -24.87
CA ASP A 282 0.92 -20.87 -25.95
C ASP A 282 -0.60 -20.83 -25.77
N ILE A 283 -1.16 -19.64 -25.54
CA ILE A 283 -2.59 -19.50 -25.36
C ILE A 283 -3.39 -19.36 -26.65
N TYR A 284 -2.94 -19.98 -27.72
CA TYR A 284 -3.66 -19.91 -28.97
C TYR A 284 -3.88 -21.34 -29.38
N ASN A 285 -3.09 -22.22 -28.77
CA ASN A 285 -3.19 -23.65 -29.02
C ASN A 285 -4.26 -24.15 -28.06
N ALA A 286 -4.22 -23.57 -26.86
CA ALA A 286 -5.17 -23.92 -25.82
C ALA A 286 -6.55 -23.52 -26.30
N CYS A 287 -6.62 -22.37 -26.96
CA CYS A 287 -7.88 -21.88 -27.47
C CYS A 287 -8.32 -22.66 -28.70
N GLU A 288 -7.47 -22.69 -29.72
CA GLU A 288 -7.80 -23.40 -30.94
C GLU A 288 -7.85 -24.91 -30.73
N LYS A 289 -6.69 -25.55 -30.68
CA LYS A 289 -6.59 -26.99 -30.50
C LYS A 289 -7.42 -27.59 -29.36
N ILE A 290 -7.01 -27.29 -28.13
CA ILE A 290 -7.65 -27.84 -26.94
C ILE A 290 -9.11 -27.47 -26.62
N TRP A 291 -9.50 -26.21 -26.73
CA TRP A 291 -10.90 -25.84 -26.42
C TRP A 291 -11.79 -25.91 -27.67
N GLY A 292 -11.24 -25.48 -28.80
CA GLY A 292 -12.01 -25.46 -30.04
C GLY A 292 -12.09 -26.74 -30.82
N GLU A 293 -11.47 -27.79 -30.28
CA GLU A 293 -11.47 -29.09 -30.93
C GLU A 293 -11.58 -30.25 -29.91
N ASP A 294 -10.47 -30.66 -29.31
CA ASP A 294 -10.49 -31.76 -28.35
C ASP A 294 -11.65 -31.66 -27.37
N LEU A 295 -11.61 -30.63 -26.54
CA LEU A 295 -12.63 -30.39 -25.52
C LEU A 295 -13.86 -29.58 -25.96
N ARG A 296 -13.91 -29.22 -27.24
CA ARG A 296 -15.03 -28.43 -27.76
C ARG A 296 -16.38 -29.03 -27.34
N HIS A 297 -16.40 -30.26 -26.84
CA HIS A 297 -17.65 -30.86 -26.45
C HIS A 297 -17.99 -30.84 -24.97
N LEU A 298 -16.99 -30.79 -24.10
CA LEU A 298 -17.30 -30.73 -22.68
C LEU A 298 -17.66 -29.27 -22.39
N ILE A 299 -17.89 -28.51 -23.47
CA ILE A 299 -18.19 -27.09 -23.35
C ILE A 299 -19.55 -26.66 -23.93
N VAL A 300 -19.76 -26.82 -25.23
CA VAL A 300 -21.06 -26.43 -25.83
C VAL A 300 -22.15 -27.13 -25.03
N SER A 301 -21.74 -28.15 -24.28
CA SER A 301 -22.63 -28.93 -23.45
C SER A 301 -22.67 -28.36 -22.04
N ARG A 302 -22.55 -27.05 -21.94
CA ARG A 302 -22.59 -26.36 -20.65
C ARG A 302 -23.77 -25.41 -20.66
N SER A 303 -24.09 -24.83 -19.51
CA SER A 303 -25.21 -23.89 -19.42
C SER A 303 -24.82 -22.41 -19.39
N THR A 304 -25.75 -21.54 -19.74
CA THR A 304 -25.49 -20.11 -19.74
C THR A 304 -25.29 -19.64 -18.30
N GLU A 305 -25.69 -20.48 -17.36
CA GLU A 305 -25.54 -20.19 -15.93
C GLU A 305 -24.16 -20.61 -15.45
N ALA A 306 -23.55 -21.55 -16.16
CA ALA A 306 -22.23 -22.04 -15.80
C ALA A 306 -21.34 -21.97 -17.02
N PRO A 307 -21.00 -20.74 -17.46
CA PRO A 307 -20.14 -20.63 -18.63
C PRO A 307 -18.73 -21.10 -18.33
N LEU A 308 -17.98 -21.33 -19.40
CA LEU A 308 -16.59 -21.69 -19.26
C LEU A 308 -15.86 -20.38 -19.53
N ILE A 309 -15.48 -19.68 -18.46
CA ILE A 309 -14.78 -18.43 -18.65
C ILE A 309 -13.31 -18.76 -18.93
N ILE A 310 -12.76 -18.16 -19.98
CA ILE A 310 -11.39 -18.38 -20.40
C ILE A 310 -10.45 -17.25 -19.99
N ARG A 311 -9.26 -17.62 -19.53
CA ARG A 311 -8.37 -16.62 -18.99
C ARG A 311 -6.94 -16.43 -19.48
N PRO A 312 -6.71 -15.42 -20.33
CA PRO A 312 -5.35 -15.16 -20.80
C PRO A 312 -4.62 -14.33 -19.71
N ASP A 313 -3.29 -14.42 -19.67
CA ASP A 313 -2.40 -13.75 -18.70
C ASP A 313 -1.13 -13.61 -19.54
N SER A 314 -1.30 -13.16 -20.78
CA SER A 314 -0.21 -13.07 -21.73
C SER A 314 0.59 -11.80 -21.91
N GLY A 315 0.53 -11.27 -23.14
CA GLY A 315 1.27 -10.07 -23.47
C GLY A 315 0.46 -9.15 -24.35
N ASN A 316 0.12 -8.00 -23.77
CA ASN A 316 -0.68 -6.99 -24.43
C ASN A 316 -2.15 -7.32 -24.30
N PRO A 317 -2.80 -6.67 -23.33
CA PRO A 317 -4.22 -6.90 -23.09
C PRO A 317 -5.07 -6.81 -24.36
N LEU A 318 -4.87 -5.77 -25.17
CA LEU A 318 -5.67 -5.62 -26.37
C LEU A 318 -5.42 -6.67 -27.44
N ASP A 319 -4.19 -6.69 -27.95
CA ASP A 319 -3.81 -7.64 -29.00
C ASP A 319 -4.32 -9.06 -28.72
N THR A 320 -4.23 -9.47 -27.46
CA THR A 320 -4.64 -10.82 -27.04
C THR A 320 -6.15 -11.08 -27.00
N VAL A 321 -6.90 -10.16 -26.42
CA VAL A 321 -8.34 -10.37 -26.38
C VAL A 321 -8.83 -10.59 -27.82
N LEU A 322 -8.55 -9.61 -28.68
CA LEU A 322 -8.96 -9.65 -30.08
C LEU A 322 -8.66 -10.94 -30.83
N LYS A 323 -7.46 -11.49 -30.63
CA LYS A 323 -7.09 -12.74 -31.29
C LYS A 323 -7.81 -13.93 -30.68
N VAL A 324 -7.73 -14.08 -29.35
CA VAL A 324 -8.42 -15.17 -28.67
C VAL A 324 -9.88 -15.20 -29.13
N LEU A 325 -10.49 -14.02 -29.21
CA LEU A 325 -11.86 -13.90 -29.68
C LEU A 325 -11.93 -14.36 -31.12
N ASP A 326 -10.91 -14.05 -31.90
CA ASP A 326 -10.91 -14.47 -33.27
C ASP A 326 -10.81 -15.99 -33.33
N ILE A 327 -10.01 -16.58 -32.43
CA ILE A 327 -9.87 -18.04 -32.42
C ILE A 327 -11.25 -18.62 -32.08
N LEU A 328 -11.85 -18.10 -31.02
CA LEU A 328 -13.14 -18.59 -30.58
C LEU A 328 -14.27 -18.33 -31.55
N GLY A 329 -14.17 -17.28 -32.34
CA GLY A 329 -15.22 -17.02 -33.31
C GLY A 329 -15.20 -18.13 -34.34
N LYS A 330 -13.99 -18.60 -34.66
CA LYS A 330 -13.78 -19.64 -35.64
C LYS A 330 -14.07 -21.05 -35.13
N LYS A 331 -13.96 -21.24 -33.83
CA LYS A 331 -14.23 -22.57 -33.29
C LYS A 331 -15.63 -22.71 -32.70
N PHE A 332 -16.32 -21.59 -32.48
CA PHE A 332 -17.66 -21.66 -31.94
C PHE A 332 -18.68 -20.82 -32.74
N PRO A 333 -20.00 -21.02 -32.45
CA PRO A 333 -21.10 -20.31 -33.12
C PRO A 333 -21.26 -18.86 -32.68
N VAL A 334 -20.74 -17.92 -33.46
CA VAL A 334 -20.86 -16.51 -33.09
C VAL A 334 -22.14 -15.90 -33.59
N SER A 335 -22.78 -15.09 -32.75
CA SER A 335 -24.03 -14.44 -33.12
C SER A 335 -23.83 -12.95 -33.08
N GLU A 336 -24.86 -12.18 -33.43
CA GLU A 336 -24.76 -10.72 -33.48
C GLU A 336 -26.00 -10.00 -32.93
N ASN A 337 -25.84 -9.20 -31.88
CA ASN A 337 -26.96 -8.49 -31.26
C ASN A 337 -27.50 -7.31 -32.04
N SER A 338 -28.66 -6.83 -31.59
CA SER A 338 -29.34 -5.72 -32.22
C SER A 338 -28.48 -4.47 -32.42
N LYS A 339 -27.22 -4.53 -32.02
CA LYS A 339 -26.35 -3.39 -32.18
C LYS A 339 -25.32 -3.57 -33.29
N GLY A 340 -25.12 -4.84 -33.69
CA GLY A 340 -24.17 -5.13 -34.75
C GLY A 340 -22.89 -5.74 -34.26
N TYR A 341 -22.76 -5.81 -32.95
CA TYR A 341 -21.57 -6.38 -32.34
C TYR A 341 -21.73 -7.89 -32.16
N LYS A 342 -20.66 -8.63 -32.41
CA LYS A 342 -20.69 -10.09 -32.31
C LYS A 342 -20.72 -10.57 -30.90
N LEU A 343 -21.38 -11.70 -30.70
CA LEU A 343 -21.51 -12.30 -29.40
C LEU A 343 -21.14 -13.77 -29.49
N LEU A 344 -20.66 -14.33 -28.37
CA LEU A 344 -20.27 -15.72 -28.30
C LEU A 344 -21.47 -16.49 -27.81
N PRO A 345 -21.47 -17.82 -27.99
CA PRO A 345 -22.57 -18.67 -27.54
C PRO A 345 -22.52 -18.59 -26.00
N PRO A 346 -23.65 -18.25 -25.39
CA PRO A 346 -23.86 -18.07 -23.94
C PRO A 346 -23.08 -18.96 -22.97
N TYR A 347 -22.52 -20.05 -23.46
CA TYR A 347 -21.78 -20.94 -22.58
C TYR A 347 -20.27 -20.72 -22.57
N LEU A 348 -19.80 -19.73 -23.32
CA LEU A 348 -18.37 -19.42 -23.46
C LEU A 348 -18.06 -17.90 -23.38
N ARG A 349 -17.12 -17.51 -22.51
CA ARG A 349 -16.73 -16.11 -22.34
C ARG A 349 -15.28 -15.93 -21.93
N VAL A 350 -14.85 -14.66 -21.81
CA VAL A 350 -13.47 -14.33 -21.50
C VAL A 350 -13.20 -13.22 -20.46
N ILE A 351 -12.11 -13.35 -19.71
CA ILE A 351 -11.74 -12.30 -18.76
C ILE A 351 -10.24 -12.00 -18.84
N GLN A 352 -9.93 -10.71 -18.92
CA GLN A 352 -8.54 -10.25 -18.95
C GLN A 352 -8.22 -9.99 -17.51
N GLY A 353 -7.40 -10.86 -16.92
CA GLY A 353 -7.05 -10.72 -15.51
C GLY A 353 -5.65 -10.23 -15.24
N ASP A 354 -4.91 -9.97 -16.31
CA ASP A 354 -3.56 -9.49 -16.19
C ASP A 354 -3.26 -8.33 -17.11
N GLY A 355 -2.71 -7.26 -16.54
CA GLY A 355 -2.36 -6.10 -17.34
C GLY A 355 -3.48 -5.10 -17.49
N VAL A 356 -4.42 -5.10 -16.56
CA VAL A 356 -5.53 -4.17 -16.66
C VAL A 356 -5.54 -3.07 -15.62
N ASP A 357 -5.52 -1.83 -16.09
CA ASP A 357 -5.57 -0.65 -15.24
C ASP A 357 -6.55 0.31 -15.93
N ILE A 358 -6.91 1.40 -15.28
CA ILE A 358 -7.85 2.33 -15.89
C ILE A 358 -7.41 2.76 -17.29
N ASN A 359 -6.12 3.06 -17.46
CA ASN A 359 -5.67 3.51 -18.77
C ASN A 359 -5.82 2.45 -19.87
N THR A 360 -5.37 1.24 -19.58
CA THR A 360 -5.44 0.13 -20.53
C THR A 360 -6.85 -0.41 -20.79
N LEU A 361 -7.74 -0.29 -19.79
CA LEU A 361 -9.12 -0.76 -19.91
C LEU A 361 -9.78 -0.11 -21.12
N GLN A 362 -9.79 1.21 -21.10
CA GLN A 362 -10.33 2.03 -22.17
C GLN A 362 -9.79 1.56 -23.52
N GLU A 363 -8.50 1.29 -23.57
CA GLU A 363 -7.84 0.84 -24.78
C GLU A 363 -8.48 -0.44 -25.29
N ILE A 364 -8.81 -1.34 -24.37
CA ILE A 364 -9.37 -2.62 -24.76
C ILE A 364 -10.79 -2.59 -25.31
N VAL A 365 -11.72 -2.05 -24.55
CA VAL A 365 -13.09 -1.97 -25.04
C VAL A 365 -13.18 -1.15 -26.33
N GLU A 366 -12.37 -0.11 -26.45
CA GLU A 366 -12.39 0.72 -27.65
C GLU A 366 -11.90 -0.08 -28.85
N GLY A 367 -10.94 -0.95 -28.62
CA GLY A 367 -10.42 -1.75 -29.70
C GLY A 367 -11.39 -2.88 -29.98
N MET A 368 -12.05 -3.33 -28.92
CA MET A 368 -13.01 -4.43 -29.03
C MET A 368 -14.19 -4.06 -29.90
N LYS A 369 -14.59 -2.79 -29.86
CA LYS A 369 -15.75 -2.36 -30.62
C LYS A 369 -15.43 -1.84 -32.01
N GLN A 370 -14.18 -1.53 -32.29
CA GLN A 370 -13.84 -1.10 -33.63
C GLN A 370 -13.81 -2.40 -34.44
N LYS A 371 -13.61 -3.51 -33.72
CA LYS A 371 -13.60 -4.83 -34.32
C LYS A 371 -15.04 -5.34 -34.27
N LYS A 372 -15.84 -4.74 -33.39
CA LYS A 372 -17.27 -5.07 -33.22
C LYS A 372 -17.63 -6.21 -32.23
N TRP A 373 -16.93 -6.29 -31.11
CA TRP A 373 -17.21 -7.33 -30.11
C TRP A 373 -17.94 -6.87 -28.86
N SER A 374 -19.18 -7.27 -28.73
CA SER A 374 -19.94 -6.89 -27.55
C SER A 374 -19.00 -6.86 -26.34
N ILE A 375 -19.06 -5.76 -25.59
CA ILE A 375 -18.21 -5.61 -24.42
C ILE A 375 -18.59 -6.69 -23.41
N GLU A 376 -19.59 -7.49 -23.78
CA GLU A 376 -20.10 -8.55 -22.92
C GLU A 376 -19.40 -9.90 -22.96
N ASN A 377 -18.71 -10.21 -24.04
CA ASN A 377 -18.04 -11.49 -24.10
C ASN A 377 -16.87 -11.44 -23.12
N VAL A 378 -16.54 -10.23 -22.69
CA VAL A 378 -15.40 -10.05 -21.83
C VAL A 378 -15.60 -9.23 -20.56
N SER A 379 -15.05 -9.74 -19.47
CA SER A 379 -15.07 -9.10 -18.15
C SER A 379 -13.59 -8.94 -17.80
N PHE A 380 -13.28 -8.17 -16.78
CA PHE A 380 -11.89 -8.03 -16.47
C PHE A 380 -11.52 -8.34 -15.04
N GLY A 381 -10.21 -8.27 -14.83
CA GLY A 381 -9.59 -8.50 -13.54
C GLY A 381 -8.31 -7.67 -13.47
N SER A 382 -8.15 -6.90 -12.40
CA SER A 382 -6.96 -6.09 -12.22
C SER A 382 -6.32 -6.44 -10.90
N GLY A 383 -5.00 -6.50 -10.89
CA GLY A 383 -4.30 -6.82 -9.66
C GLY A 383 -3.89 -5.59 -8.87
N GLY A 384 -2.59 -5.36 -8.82
CA GLY A 384 -2.06 -4.22 -8.10
C GLY A 384 -2.44 -2.86 -8.65
N ALA A 385 -2.81 -2.80 -9.91
CA ALA A 385 -3.23 -1.53 -10.50
C ALA A 385 -4.48 -1.10 -9.73
N LEU A 386 -5.32 -2.07 -9.41
CA LEU A 386 -6.53 -1.81 -8.67
C LEU A 386 -6.34 -1.57 -7.18
N LEU A 387 -5.57 -2.44 -6.52
CA LEU A 387 -5.34 -2.36 -5.09
C LEU A 387 -4.04 -1.69 -4.62
N GLN A 388 -3.05 -1.59 -5.51
CA GLN A 388 -1.82 -0.94 -5.15
C GLN A 388 -1.55 0.09 -6.24
N LYS A 389 -0.41 0.75 -6.19
CA LYS A 389 -0.10 1.73 -7.22
C LYS A 389 -1.18 2.78 -7.24
N LEU A 390 -1.46 3.30 -6.06
CA LEU A 390 -2.45 4.36 -5.87
C LEU A 390 -1.69 5.25 -4.94
N THR A 391 -1.84 6.55 -5.08
CA THR A 391 -1.09 7.43 -4.20
C THR A 391 -1.96 8.57 -3.71
N ARG A 392 -1.55 9.18 -2.61
CA ARG A 392 -2.30 10.31 -2.09
C ARG A 392 -2.31 11.42 -3.14
N ASP A 393 -1.21 11.55 -3.90
CA ASP A 393 -1.06 12.57 -4.94
C ASP A 393 -2.01 12.45 -6.15
N LEU A 394 -2.41 11.23 -6.48
CA LEU A 394 -3.31 11.01 -7.58
C LEU A 394 -4.48 11.96 -7.45
N LEU A 395 -5.02 12.10 -6.24
CA LEU A 395 -6.15 13.00 -6.00
C LEU A 395 -5.85 14.18 -5.09
N ASN A 396 -4.57 14.41 -4.82
CA ASN A 396 -4.21 15.55 -3.98
C ASN A 396 -4.89 15.55 -2.63
N CYS A 397 -5.11 14.37 -2.05
CA CYS A 397 -5.72 14.32 -0.74
C CYS A 397 -4.84 15.11 0.21
N SER A 398 -5.41 16.14 0.82
CA SER A 398 -4.68 16.98 1.74
C SER A 398 -5.47 17.29 3.02
N PHE A 399 -4.74 17.50 4.12
CA PHE A 399 -5.35 17.82 5.39
C PHE A 399 -4.64 19.05 5.96
N LYS A 400 -5.36 20.17 6.02
CA LYS A 400 -4.81 21.42 6.53
C LYS A 400 -5.70 22.10 7.58
N CYS A 401 -5.10 22.97 8.39
CA CYS A 401 -5.86 23.71 9.41
C CYS A 401 -6.34 24.98 8.75
N SER A 402 -7.62 25.30 8.94
CA SER A 402 -8.15 26.50 8.31
C SER A 402 -8.62 27.55 9.29
N TYR A 403 -8.57 27.22 10.57
CA TYR A 403 -9.06 28.15 11.59
C TYR A 403 -8.46 27.83 12.96
N VAL A 404 -8.14 28.88 13.72
CA VAL A 404 -7.55 28.74 15.05
C VAL A 404 -8.02 29.87 15.94
N VAL A 405 -8.25 29.55 17.21
CA VAL A 405 -8.65 30.57 18.15
C VAL A 405 -7.46 30.86 19.05
N THR A 406 -6.93 32.06 18.91
CA THR A 406 -5.78 32.55 19.68
C THR A 406 -6.26 33.71 20.55
N ASN A 407 -6.25 33.50 21.86
CA ASN A 407 -6.67 34.53 22.81
C ASN A 407 -8.14 34.88 22.74
N GLY A 408 -8.99 33.88 22.47
CA GLY A 408 -10.41 34.12 22.40
C GLY A 408 -10.99 34.47 21.04
N LEU A 409 -10.23 35.17 20.20
CA LEU A 409 -10.74 35.54 18.86
C LEU A 409 -10.18 34.64 17.78
N GLY A 410 -11.02 34.31 16.80
CA GLY A 410 -10.60 33.43 15.72
C GLY A 410 -9.97 34.10 14.51
N VAL A 411 -9.06 33.38 13.86
CA VAL A 411 -8.37 33.86 12.68
C VAL A 411 -8.30 32.77 11.62
N ASN A 412 -8.70 33.11 10.41
CA ASN A 412 -8.67 32.16 9.31
C ASN A 412 -7.22 31.89 9.01
N VAL A 413 -6.92 30.66 8.60
CA VAL A 413 -5.56 30.25 8.30
C VAL A 413 -5.49 29.46 7.00
N PHE A 414 -4.28 29.29 6.47
CA PHE A 414 -4.07 28.60 5.22
C PHE A 414 -2.60 28.77 4.90
N LYS A 415 -2.14 28.10 3.85
CA LYS A 415 -0.75 28.24 3.40
C LYS A 415 -0.80 28.66 1.95
N ASP A 416 0.20 29.41 1.48
CA ASP A 416 0.22 29.79 0.08
C ASP A 416 1.67 29.83 -0.39
N PRO A 417 2.18 28.68 -0.83
CA PRO A 417 3.57 28.64 -1.29
C PRO A 417 3.67 29.53 -2.51
N VAL A 418 4.74 30.28 -2.64
CA VAL A 418 4.88 31.14 -3.81
C VAL A 418 5.28 30.28 -4.99
N ALA A 419 6.25 29.40 -4.76
CA ALA A 419 6.74 28.50 -5.79
C ALA A 419 5.63 27.54 -6.21
N ASP A 420 4.42 27.76 -5.69
CA ASP A 420 3.28 26.92 -6.03
C ASP A 420 1.94 27.22 -5.38
N PRO A 421 0.93 27.55 -6.19
CA PRO A 421 -0.43 27.84 -5.71
C PRO A 421 -1.08 26.46 -5.70
N ASN A 422 -2.39 26.37 -5.90
CA ASN A 422 -3.01 25.06 -5.90
C ASN A 422 -2.78 24.37 -4.54
N LYS A 423 -1.74 24.84 -3.83
CA LYS A 423 -1.38 24.36 -2.50
C LYS A 423 -2.07 25.33 -1.57
N ARG A 424 -2.47 26.46 -2.15
CA ARG A 424 -3.20 27.49 -1.42
C ARG A 424 -4.26 26.74 -0.66
N SER A 425 -4.42 27.06 0.62
CA SER A 425 -5.41 26.41 1.46
C SER A 425 -6.70 27.21 1.59
N LYS A 426 -7.76 26.53 1.99
CA LYS A 426 -9.04 27.20 2.19
C LYS A 426 -8.90 27.93 3.50
N LYS A 427 -9.73 28.96 3.70
CA LYS A 427 -9.67 29.77 4.91
C LYS A 427 -10.90 29.78 5.80
N GLY A 428 -10.62 29.66 7.10
CA GLY A 428 -11.67 29.70 8.11
C GLY A 428 -12.57 28.50 8.22
N ARG A 429 -13.73 28.75 8.81
CA ARG A 429 -14.74 27.76 9.02
C ARG A 429 -15.48 27.49 7.70
N LEU A 430 -15.17 26.34 7.13
CA LEU A 430 -15.72 25.89 5.88
C LEU A 430 -17.08 25.21 6.05
N SER A 431 -17.86 25.21 4.97
CA SER A 431 -19.20 24.64 4.95
C SER A 431 -19.37 24.03 3.56
N LEU A 432 -20.04 22.90 3.45
CA LEU A 432 -20.21 22.25 2.15
C LEU A 432 -21.58 22.38 1.68
N HIS A 433 -21.92 23.21 0.67
CA HIS A 433 -23.29 23.40 0.20
C HIS A 433 -23.64 22.87 -1.18
N ARG A 434 -24.95 22.86 -1.44
CA ARG A 434 -25.52 22.36 -2.68
C ARG A 434 -26.05 23.51 -3.50
N THR A 435 -25.34 23.82 -4.58
CA THR A 435 -25.70 24.92 -5.49
C THR A 435 -27.04 24.76 -6.17
N PRO A 436 -27.80 25.85 -6.31
CA PRO A 436 -29.13 25.82 -6.95
C PRO A 436 -29.13 25.30 -8.39
N ALA A 437 -27.97 24.90 -8.89
CA ALA A 437 -27.88 24.38 -10.25
C ALA A 437 -27.32 22.97 -10.33
N GLY A 438 -27.40 22.21 -9.24
CA GLY A 438 -26.90 20.85 -9.29
C GLY A 438 -25.81 20.42 -8.33
N THR A 439 -24.58 20.88 -8.56
CA THR A 439 -23.44 20.50 -7.73
C THR A 439 -23.28 20.98 -6.29
N PHE A 440 -22.01 21.16 -5.92
CA PHE A 440 -21.65 21.56 -4.58
C PHE A 440 -20.84 22.85 -4.56
N VAL A 441 -20.44 23.23 -3.35
CA VAL A 441 -19.67 24.42 -3.13
C VAL A 441 -19.25 24.40 -1.68
N THR A 442 -18.00 24.71 -1.43
CA THR A 442 -17.48 24.74 -0.07
C THR A 442 -17.40 26.22 0.23
N LEU A 443 -18.07 26.65 1.29
CA LEU A 443 -18.05 28.05 1.67
C LEU A 443 -16.98 28.28 2.71
N GLU A 444 -16.14 29.30 2.48
CA GLU A 444 -15.03 29.65 3.38
C GLU A 444 -15.37 30.80 4.32
N GLU A 445 -14.40 31.15 5.17
CA GLU A 445 -14.52 32.23 6.14
C GLU A 445 -15.86 32.28 6.90
N GLY A 446 -16.37 31.11 7.26
CA GLY A 446 -17.62 31.02 7.99
C GLY A 446 -18.80 31.61 7.26
N LYS A 447 -18.59 32.01 6.01
CA LYS A 447 -19.64 32.58 5.18
C LYS A 447 -20.86 31.65 5.06
N GLY A 448 -20.75 30.44 5.58
CA GLY A 448 -21.86 29.53 5.51
C GLY A 448 -22.90 29.81 6.58
N ASP A 449 -22.58 30.73 7.50
CA ASP A 449 -23.53 31.07 8.57
C ASP A 449 -24.63 32.00 8.11
N LEU A 450 -24.50 32.48 6.88
CA LEU A 450 -25.52 33.32 6.28
C LEU A 450 -26.18 32.28 5.40
N GLU A 451 -27.34 31.78 5.80
CA GLU A 451 -28.00 30.75 5.01
C GLU A 451 -28.33 31.28 3.63
N GLU A 452 -27.35 31.32 2.74
CA GLU A 452 -27.59 31.79 1.39
C GLU A 452 -27.89 30.54 0.59
N TYR A 453 -27.17 29.47 0.92
CA TYR A 453 -27.32 28.18 0.25
C TYR A 453 -28.16 27.21 1.06
N GLY A 454 -28.34 27.53 2.34
CA GLY A 454 -29.13 26.69 3.22
C GLY A 454 -28.72 25.25 3.41
N HIS A 455 -28.31 24.97 4.66
CA HIS A 455 -27.90 23.67 5.13
C HIS A 455 -26.63 22.96 4.78
N ASP A 456 -25.65 23.22 5.63
CA ASP A 456 -24.34 22.61 5.48
C ASP A 456 -24.75 21.15 5.19
N LEU A 457 -23.85 20.35 4.63
CA LEU A 457 -24.17 18.97 4.29
C LEU A 457 -23.29 17.97 4.98
N LEU A 458 -22.30 18.46 5.70
CA LEU A 458 -21.41 17.54 6.40
C LEU A 458 -22.08 17.30 7.74
N HIS A 459 -22.11 16.04 8.14
CA HIS A 459 -22.72 15.67 9.39
C HIS A 459 -21.70 15.35 10.45
N THR A 460 -22.11 15.48 11.71
CA THR A 460 -21.19 15.13 12.76
C THR A 460 -21.26 13.64 12.70
N VAL A 461 -20.12 13.00 12.83
CA VAL A 461 -20.07 11.56 12.77
C VAL A 461 -19.25 11.08 13.96
N PHE A 462 -18.56 12.02 14.60
CA PHE A 462 -17.72 11.73 15.76
C PHE A 462 -17.73 12.95 16.68
N LYS A 463 -17.94 12.69 17.96
CA LYS A 463 -17.97 13.74 18.94
C LYS A 463 -17.59 13.06 20.22
N ASN A 464 -16.59 13.64 20.90
CA ASN A 464 -16.10 13.12 22.19
C ASN A 464 -16.14 11.60 22.42
N GLY A 465 -15.35 10.88 21.62
CA GLY A 465 -15.23 9.43 21.76
C GLY A 465 -16.33 8.55 21.21
N LYS A 466 -17.47 9.12 20.86
CA LYS A 466 -18.57 8.30 20.38
C LYS A 466 -18.94 8.58 18.91
N VAL A 467 -19.33 7.52 18.20
CA VAL A 467 -19.73 7.55 16.79
C VAL A 467 -21.21 7.92 16.65
N THR A 468 -21.46 9.22 16.52
CA THR A 468 -22.82 9.74 16.43
C THR A 468 -23.57 9.51 15.13
N LYS A 469 -22.95 8.85 14.15
CA LYS A 469 -23.67 8.60 12.91
C LYS A 469 -22.87 7.73 11.95
N SER A 470 -23.43 6.59 11.58
CA SER A 470 -22.77 5.67 10.66
C SER A 470 -23.75 5.39 9.51
N TYR A 471 -23.26 4.85 8.40
CA TYR A 471 -24.12 4.50 7.28
C TYR A 471 -23.86 3.04 6.94
N SER A 472 -24.88 2.33 6.49
CA SER A 472 -24.71 0.93 6.11
C SER A 472 -24.05 0.90 4.72
N PHE A 473 -23.27 -0.15 4.47
CA PHE A 473 -22.60 -0.25 3.19
C PHE A 473 -23.65 -0.35 2.06
N ASP A 474 -24.93 -0.22 2.41
CA ASP A 474 -25.97 -0.29 1.41
C ASP A 474 -26.26 1.09 0.87
N GLU A 475 -26.08 2.05 1.75
CA GLU A 475 -26.30 3.45 1.45
C GLU A 475 -25.06 3.92 0.75
N VAL A 476 -23.92 3.43 1.23
CA VAL A 476 -22.65 3.81 0.63
C VAL A 476 -22.73 3.60 -0.88
N ARG A 477 -23.30 2.45 -1.27
CA ARG A 477 -23.46 2.13 -2.69
C ARG A 477 -24.31 3.26 -3.24
N LYS A 478 -25.62 3.16 -3.00
CA LYS A 478 -26.63 4.14 -3.40
C LYS A 478 -26.02 5.50 -3.67
N ASN A 479 -25.31 6.02 -2.67
CA ASN A 479 -24.66 7.33 -2.77
C ASN A 479 -23.71 7.37 -3.95
N ALA A 480 -22.64 6.57 -3.84
CA ALA A 480 -21.62 6.46 -4.88
C ALA A 480 -22.16 5.49 -5.91
N GLN A 481 -22.88 6.02 -6.89
CA GLN A 481 -23.41 5.21 -7.97
C GLN A 481 -23.63 6.13 -9.15
N LEU A 482 -23.64 5.56 -10.34
CA LEU A 482 -23.82 6.35 -11.54
C LEU A 482 -25.29 6.70 -11.73
N ASN A 483 -25.65 7.94 -11.37
CA ASN A 483 -27.02 8.47 -11.50
C ASN A 483 -28.16 7.55 -11.04
N PHE B 9 -7.65 -13.14 13.86
CA PHE B 9 -7.19 -13.39 12.45
C PHE B 9 -7.27 -14.85 12.06
N ASN B 10 -8.18 -15.17 11.15
CA ASN B 10 -8.28 -16.51 10.63
C ASN B 10 -7.50 -16.65 9.34
N ILE B 11 -6.71 -17.68 9.15
CA ILE B 11 -5.94 -17.78 7.92
C ILE B 11 -6.64 -18.65 6.89
N LEU B 12 -7.87 -19.05 7.19
CA LEU B 12 -8.59 -19.85 6.24
C LEU B 12 -9.22 -18.90 5.26
N LEU B 13 -9.02 -17.60 5.50
CA LEU B 13 -9.49 -16.55 4.60
C LEU B 13 -8.41 -15.49 4.39
N ALA B 14 -7.16 -15.95 4.25
CA ALA B 14 -6.03 -15.09 4.00
C ALA B 14 -5.42 -15.69 2.77
N THR B 15 -6.28 -15.93 1.79
CA THR B 15 -5.89 -16.51 0.53
C THR B 15 -6.85 -16.03 -0.55
N ASP B 16 -6.47 -16.16 -1.81
CA ASP B 16 -7.37 -15.73 -2.86
C ASP B 16 -8.55 -16.67 -2.90
N SER B 17 -9.73 -16.12 -3.14
CA SER B 17 -10.93 -16.90 -3.20
C SER B 17 -10.80 -18.16 -4.03
N TYR B 18 -10.48 -18.01 -5.29
CA TYR B 18 -10.40 -19.15 -6.18
C TYR B 18 -9.48 -20.27 -5.72
N LYS B 19 -8.58 -19.95 -4.80
CA LYS B 19 -7.65 -20.96 -4.31
C LYS B 19 -8.38 -21.97 -3.44
N VAL B 20 -9.52 -21.55 -2.90
CA VAL B 20 -10.32 -22.43 -2.05
C VAL B 20 -10.81 -23.61 -2.91
N THR B 21 -10.96 -23.36 -4.21
CA THR B 21 -11.42 -24.38 -5.14
C THR B 21 -10.28 -25.32 -5.51
N HIS B 22 -9.10 -24.73 -5.66
CA HIS B 22 -7.86 -25.41 -6.05
C HIS B 22 -7.56 -26.85 -5.67
N TYR B 23 -8.04 -27.33 -4.52
CA TYR B 23 -7.72 -28.70 -4.13
C TYR B 23 -8.38 -29.78 -4.99
N LYS B 24 -9.19 -29.37 -5.95
CA LYS B 24 -9.86 -30.32 -6.82
C LYS B 24 -9.33 -30.21 -8.24
N GLN B 25 -8.20 -29.54 -8.42
CA GLN B 25 -7.66 -29.33 -9.76
C GLN B 25 -6.31 -29.95 -10.05
N TYR B 26 -5.70 -30.55 -9.02
CA TYR B 26 -4.40 -31.18 -9.17
C TYR B 26 -4.52 -32.57 -9.77
N PRO B 27 -3.47 -33.02 -10.47
CA PRO B 27 -3.54 -34.35 -11.06
C PRO B 27 -3.70 -35.36 -9.93
N PRO B 28 -4.73 -36.22 -9.98
CA PRO B 28 -4.94 -37.22 -8.92
C PRO B 28 -3.63 -37.90 -8.47
N ASN B 29 -3.60 -38.28 -7.19
CA ASN B 29 -2.45 -38.94 -6.58
C ASN B 29 -1.24 -38.02 -6.44
N THR B 30 -1.52 -36.76 -6.13
CA THR B 30 -0.46 -35.80 -5.94
C THR B 30 -0.18 -35.74 -4.47
N SER B 31 1.09 -35.82 -4.11
CA SER B 31 1.47 -35.79 -2.69
C SER B 31 2.32 -34.59 -2.33
N LYS B 32 3.02 -34.05 -3.31
CA LYS B 32 3.93 -32.94 -3.11
C LYS B 32 3.78 -31.71 -3.97
N VAL B 33 3.52 -30.57 -3.37
CA VAL B 33 3.46 -29.33 -4.13
C VAL B 33 4.57 -28.45 -3.56
N TYR B 34 5.70 -28.40 -4.27
CA TYR B 34 6.85 -27.61 -3.86
C TYR B 34 6.91 -26.35 -4.70
N SER B 35 6.86 -25.18 -4.04
CA SER B 35 6.88 -23.89 -4.74
C SER B 35 8.01 -23.00 -4.28
N TYR B 36 8.44 -22.10 -5.17
CA TYR B 36 9.56 -21.17 -4.88
C TYR B 36 9.24 -19.70 -5.17
N PHE B 37 9.93 -18.80 -4.47
CA PHE B 37 9.73 -17.36 -4.64
C PHE B 37 10.97 -16.74 -5.30
N GLU B 38 10.76 -15.75 -6.16
CA GLU B 38 11.87 -15.08 -6.81
C GLU B 38 11.53 -13.70 -7.30
N CYS B 39 12.55 -13.01 -7.81
CA CYS B 39 12.44 -11.67 -8.38
C CYS B 39 12.94 -11.81 -9.82
N ARG B 40 12.08 -12.35 -10.68
CA ARG B 40 12.46 -12.56 -12.07
C ARG B 40 13.21 -11.36 -12.62
N GLU B 41 14.05 -11.60 -13.62
CA GLU B 41 14.80 -10.56 -14.29
C GLU B 41 13.86 -9.91 -15.31
N TYR B 54 17.34 -1.66 -10.43
CA TYR B 54 16.98 -2.65 -9.43
C TYR B 54 17.40 -4.01 -9.97
N GLU B 55 18.54 -4.53 -9.49
CA GLU B 55 19.02 -5.80 -10.00
C GLU B 55 19.81 -6.68 -9.05
N GLU B 56 19.46 -6.57 -7.78
CA GLU B 56 20.03 -7.36 -6.70
C GLU B 56 19.17 -6.85 -5.58
N THR B 57 18.30 -7.71 -5.10
CA THR B 57 17.38 -7.33 -4.06
C THR B 57 17.80 -7.68 -2.66
N VAL B 58 17.16 -7.04 -1.72
CA VAL B 58 17.41 -7.27 -0.30
C VAL B 58 16.28 -8.18 0.18
N PHE B 59 16.59 -9.39 0.58
CA PHE B 59 15.53 -10.26 1.02
C PHE B 59 15.14 -9.95 2.47
N TYR B 60 14.03 -9.25 2.66
CA TYR B 60 13.59 -8.88 4.00
C TYR B 60 12.08 -8.99 4.25
N GLY B 61 11.71 -9.36 5.47
CA GLY B 61 10.29 -9.43 5.78
C GLY B 61 9.65 -10.77 6.01
N LEU B 62 10.10 -11.79 5.29
CA LEU B 62 9.52 -13.11 5.43
C LEU B 62 9.33 -13.49 6.89
N GLN B 63 10.34 -13.21 7.71
CA GLN B 63 10.33 -13.53 9.13
C GLN B 63 9.19 -12.94 9.96
N TYR B 64 8.56 -11.90 9.44
CA TYR B 64 7.42 -11.26 10.12
C TYR B 64 6.15 -12.03 9.69
N ILE B 65 5.77 -11.87 8.43
CA ILE B 65 4.63 -12.55 7.83
C ILE B 65 4.62 -13.99 8.36
N LEU B 66 5.76 -14.61 8.13
CA LEU B 66 6.02 -15.98 8.51
C LEU B 66 6.22 -16.05 10.01
N ASN B 67 5.32 -15.46 10.79
CA ASN B 67 5.48 -15.48 12.26
C ASN B 67 4.29 -14.83 12.96
N LYS B 68 3.73 -13.81 12.32
CA LYS B 68 2.59 -13.12 12.88
C LYS B 68 1.37 -13.69 12.17
N TYR B 69 1.62 -14.53 11.18
CA TYR B 69 0.54 -15.11 10.42
C TYR B 69 0.54 -16.62 10.24
N LEU B 70 1.70 -17.19 9.91
CA LEU B 70 1.78 -18.64 9.69
C LEU B 70 2.21 -19.47 10.90
N LYS B 71 2.96 -18.84 11.81
CA LYS B 71 3.47 -19.47 13.03
C LYS B 71 2.60 -20.54 13.73
N GLY B 72 2.71 -20.59 15.06
CA GLY B 72 2.00 -21.53 15.92
C GLY B 72 0.79 -22.34 15.50
N LYS B 73 -0.19 -22.39 16.40
CA LYS B 73 -1.45 -23.11 16.18
C LYS B 73 -2.41 -22.19 15.44
N VAL B 74 -2.65 -22.46 14.17
CA VAL B 74 -3.49 -21.58 13.39
C VAL B 74 -4.82 -22.07 12.82
N VAL B 75 -5.22 -23.31 13.13
CA VAL B 75 -6.51 -23.81 12.64
C VAL B 75 -7.36 -24.22 13.83
N THR B 76 -8.68 -24.04 13.75
CA THR B 76 -9.56 -24.42 14.86
C THR B 76 -10.98 -24.79 14.48
N LYS B 77 -11.61 -25.58 15.33
CA LYS B 77 -12.99 -26.02 15.13
C LYS B 77 -13.86 -24.85 14.65
N GLU B 78 -13.57 -23.67 15.16
CA GLU B 78 -14.32 -22.46 14.85
C GLU B 78 -13.85 -21.80 13.56
N LYS B 79 -12.54 -21.59 13.45
CA LYS B 79 -11.99 -20.98 12.25
C LYS B 79 -12.41 -21.83 11.07
N ILE B 80 -12.58 -23.13 11.31
CA ILE B 80 -13.00 -24.06 10.28
C ILE B 80 -14.47 -23.81 9.97
N GLN B 81 -15.22 -23.44 11.01
CA GLN B 81 -16.64 -23.18 10.86
C GLN B 81 -16.93 -21.78 10.32
N GLU B 82 -16.15 -20.79 10.75
CA GLU B 82 -16.35 -19.42 10.29
C GLU B 82 -16.07 -19.32 8.79
N ALA B 83 -14.93 -19.88 8.39
CA ALA B 83 -14.52 -19.87 7.00
C ALA B 83 -15.47 -20.71 6.15
N LYS B 84 -16.32 -21.45 6.85
CA LYS B 84 -17.26 -22.34 6.22
C LYS B 84 -18.48 -21.63 5.65
N GLU B 85 -19.18 -20.90 6.52
CA GLU B 85 -20.39 -20.20 6.13
C GLU B 85 -20.10 -19.04 5.19
N VAL B 86 -18.86 -18.54 5.23
CA VAL B 86 -18.44 -17.43 4.38
C VAL B 86 -18.14 -17.96 2.97
N TYR B 87 -17.24 -18.93 2.88
CA TYR B 87 -16.90 -19.55 1.59
C TYR B 87 -18.12 -20.38 1.19
N ARG B 88 -19.29 -19.79 1.39
CA ARG B 88 -20.53 -20.49 1.10
C ARG B 88 -21.48 -19.52 0.45
N GLU B 89 -21.50 -18.30 0.98
CA GLU B 89 -22.36 -17.26 0.45
C GLU B 89 -21.49 -16.51 -0.55
N HIS B 90 -20.17 -16.66 -0.36
CA HIS B 90 -19.22 -16.04 -1.24
C HIS B 90 -19.36 -16.81 -2.55
N PHE B 91 -19.12 -18.11 -2.46
CA PHE B 91 -19.19 -18.99 -3.61
C PHE B 91 -20.58 -19.45 -4.02
N GLN B 92 -21.59 -19.21 -3.20
CA GLN B 92 -22.93 -19.67 -3.54
C GLN B 92 -22.86 -21.18 -3.63
N ASP B 93 -22.03 -21.77 -2.78
CA ASP B 93 -21.82 -23.22 -2.77
C ASP B 93 -20.73 -23.61 -1.77
N ASP B 94 -20.74 -24.88 -1.36
CA ASP B 94 -19.74 -25.36 -0.44
C ASP B 94 -18.75 -26.19 -1.24
N VAL B 95 -17.51 -25.73 -1.30
CA VAL B 95 -16.46 -26.45 -1.99
C VAL B 95 -15.23 -26.15 -1.20
N PHE B 96 -15.44 -25.63 0.00
CA PHE B 96 -14.36 -25.32 0.91
C PHE B 96 -13.89 -26.69 1.41
N ASN B 97 -12.62 -26.81 1.82
CA ASN B 97 -12.09 -28.10 2.28
C ASN B 97 -12.22 -28.39 3.80
N GLU B 98 -13.45 -28.39 4.30
CA GLU B 98 -13.76 -28.66 5.71
C GLU B 98 -13.17 -29.99 6.15
N ARG B 99 -12.97 -30.88 5.18
CA ARG B 99 -12.42 -32.22 5.41
C ARG B 99 -10.93 -32.11 5.62
N GLY B 100 -10.25 -31.62 4.58
CA GLY B 100 -8.81 -31.46 4.61
C GLY B 100 -8.32 -30.50 5.68
N TRP B 101 -9.13 -29.51 6.01
CA TRP B 101 -8.70 -28.59 7.04
C TRP B 101 -8.81 -29.20 8.41
N ASN B 102 -9.72 -30.16 8.58
CA ASN B 102 -9.86 -30.81 9.89
C ASN B 102 -8.73 -31.79 10.14
N TYR B 103 -8.02 -32.16 9.08
CA TYR B 103 -6.88 -33.05 9.24
C TYR B 103 -5.88 -32.27 10.08
N ILE B 104 -5.36 -31.20 9.48
CA ILE B 104 -4.40 -30.33 10.11
C ILE B 104 -4.69 -29.98 11.57
N LEU B 105 -5.97 -29.99 11.96
CA LEU B 105 -6.33 -29.65 13.34
C LEU B 105 -6.35 -30.88 14.23
N GLU B 106 -7.00 -31.93 13.75
CA GLU B 106 -7.13 -33.17 14.49
C GLU B 106 -5.83 -33.99 14.45
N LYS B 107 -4.95 -33.64 13.53
CA LYS B 107 -3.68 -34.36 13.37
C LYS B 107 -2.44 -33.65 13.91
N TYR B 108 -2.35 -32.35 13.71
CA TYR B 108 -1.19 -31.60 14.19
C TYR B 108 -1.55 -30.47 15.13
N ASP B 109 -2.73 -30.56 15.75
CA ASP B 109 -3.16 -29.53 16.69
C ASP B 109 -3.07 -28.16 16.05
N GLY B 110 -3.75 -28.01 14.92
CA GLY B 110 -3.80 -26.76 14.20
C GLY B 110 -2.48 -26.13 13.81
N HIS B 111 -1.47 -26.94 13.53
CA HIS B 111 -0.18 -26.39 13.13
C HIS B 111 -0.01 -26.55 11.64
N LEU B 112 0.02 -25.42 10.93
CA LEU B 112 0.21 -25.48 9.50
C LEU B 112 1.41 -26.37 9.26
N PRO B 113 1.27 -27.39 8.42
CA PRO B 113 2.50 -28.16 8.27
C PRO B 113 3.10 -27.88 6.91
N ILE B 114 4.24 -27.20 6.90
CA ILE B 114 4.90 -26.86 5.66
C ILE B 114 6.31 -26.56 6.04
N GLU B 115 7.22 -26.70 5.10
CA GLU B 115 8.61 -26.39 5.38
C GLU B 115 9.00 -25.28 4.47
N VAL B 116 9.47 -24.18 5.04
CA VAL B 116 9.87 -23.08 4.20
C VAL B 116 11.35 -22.78 4.44
N LYS B 117 12.13 -22.80 3.37
CA LYS B 117 13.55 -22.48 3.44
C LYS B 117 13.68 -21.08 2.89
N ALA B 118 14.67 -20.35 3.37
CA ALA B 118 14.86 -18.98 2.91
C ALA B 118 16.33 -18.61 2.92
N VAL B 119 16.61 -17.34 2.66
CA VAL B 119 17.98 -16.86 2.69
C VAL B 119 18.09 -15.96 3.93
N PRO B 120 19.32 -15.79 4.46
CA PRO B 120 19.46 -14.94 5.64
C PRO B 120 18.76 -13.60 5.43
N GLU B 121 17.76 -13.33 6.26
CA GLU B 121 17.03 -12.08 6.16
C GLU B 121 18.05 -10.94 6.02
N GLY B 122 17.83 -10.05 5.05
CA GLY B 122 18.74 -8.95 4.86
C GLY B 122 19.67 -9.24 3.70
N SER B 123 19.69 -10.51 3.31
CA SER B 123 20.53 -10.96 2.21
C SER B 123 20.28 -10.18 0.92
N VAL B 124 21.37 -9.72 0.31
CA VAL B 124 21.31 -8.98 -0.93
C VAL B 124 21.69 -9.92 -2.08
N ILE B 125 20.69 -10.43 -2.79
CA ILE B 125 20.90 -11.38 -3.90
C ILE B 125 20.49 -10.84 -5.27
N PRO B 126 21.33 -11.04 -6.29
CA PRO B 126 21.02 -10.58 -7.65
C PRO B 126 19.67 -11.17 -8.12
N ARG B 127 19.17 -10.75 -9.27
CA ARG B 127 17.88 -11.22 -9.71
C ARG B 127 17.83 -12.46 -10.55
N GLY B 128 16.76 -13.23 -10.37
CA GLY B 128 16.58 -14.47 -11.10
C GLY B 128 17.01 -15.65 -10.24
N ASN B 129 17.26 -15.37 -8.98
CA ASN B 129 17.68 -16.41 -8.06
C ASN B 129 16.54 -16.74 -7.13
N VAL B 130 16.56 -17.94 -6.57
CA VAL B 130 15.53 -18.39 -5.64
C VAL B 130 15.75 -17.70 -4.30
N LEU B 131 14.68 -17.17 -3.72
CA LEU B 131 14.80 -16.49 -2.44
C LEU B 131 14.23 -17.35 -1.32
N PHE B 132 13.14 -18.04 -1.61
CA PHE B 132 12.59 -18.93 -0.63
C PHE B 132 11.76 -19.97 -1.34
N THR B 133 11.46 -21.06 -0.65
CA THR B 133 10.67 -22.11 -1.24
C THR B 133 9.67 -22.56 -0.21
N VAL B 134 8.64 -23.23 -0.68
CA VAL B 134 7.61 -23.76 0.20
C VAL B 134 7.10 -25.05 -0.38
N GLU B 135 7.13 -26.10 0.42
CA GLU B 135 6.63 -27.39 -0.02
C GLU B 135 5.87 -27.92 1.18
N ASN B 136 4.70 -28.49 0.93
CA ASN B 136 3.87 -29.04 2.00
C ASN B 136 4.73 -29.95 2.88
N THR B 137 4.21 -30.30 4.05
CA THR B 137 4.92 -31.15 5.02
C THR B 137 4.61 -32.64 4.94
N ASP B 138 3.33 -32.94 4.70
CA ASP B 138 2.78 -34.28 4.67
C ASP B 138 1.90 -34.53 3.42
N PRO B 139 2.02 -35.73 2.83
CA PRO B 139 1.31 -36.22 1.64
C PRO B 139 -0.15 -35.78 1.53
N GLU B 140 -0.75 -35.49 2.66
CA GLU B 140 -2.16 -35.07 2.72
C GLU B 140 -2.36 -33.64 2.27
N CYS B 141 -1.70 -32.74 2.99
CA CYS B 141 -1.78 -31.33 2.75
C CYS B 141 -1.01 -30.83 1.55
N TYR B 142 -0.93 -31.64 0.50
CA TYR B 142 -0.22 -31.27 -0.72
C TYR B 142 -0.76 -29.94 -1.25
N TRP B 143 -2.06 -29.74 -1.09
CA TRP B 143 -2.74 -28.54 -1.53
C TRP B 143 -2.32 -27.26 -0.78
N LEU B 144 -1.90 -27.43 0.47
CA LEU B 144 -1.51 -26.32 1.33
C LEU B 144 -0.41 -25.38 0.80
N THR B 145 0.66 -25.95 0.25
CA THR B 145 1.76 -25.16 -0.27
C THR B 145 1.28 -23.85 -0.92
N ASN B 146 0.42 -23.96 -1.92
CA ASN B 146 -0.07 -22.78 -2.60
C ASN B 146 -1.04 -21.95 -1.82
N TRP B 147 -1.97 -22.58 -1.12
CA TRP B 147 -2.95 -21.84 -0.33
C TRP B 147 -2.33 -20.56 0.22
N ILE B 148 -1.13 -20.71 0.77
CA ILE B 148 -0.40 -19.62 1.37
C ILE B 148 0.47 -18.86 0.39
N GLU B 149 0.29 -19.12 -0.90
CA GLU B 149 1.09 -18.41 -1.89
C GLU B 149 0.79 -16.94 -1.71
N THR B 150 -0.40 -16.65 -1.24
CA THR B 150 -0.81 -15.27 -1.03
C THR B 150 -0.10 -14.65 0.14
N ILE B 151 -0.48 -15.08 1.33
CA ILE B 151 0.13 -14.56 2.55
C ILE B 151 1.63 -14.33 2.34
N LEU B 152 2.30 -15.36 1.84
CA LEU B 152 3.75 -15.34 1.61
C LEU B 152 4.21 -14.43 0.50
N VAL B 153 3.31 -13.90 -0.31
CA VAL B 153 3.79 -13.08 -1.38
C VAL B 153 3.70 -11.60 -1.07
N GLN B 154 2.86 -11.22 -0.11
CA GLN B 154 2.75 -9.81 0.25
C GLN B 154 4.08 -9.38 0.88
N SER B 155 5.13 -10.15 0.61
CA SER B 155 6.45 -9.87 1.16
C SER B 155 7.21 -9.03 0.16
N TRP B 156 6.80 -9.12 -1.09
CA TRP B 156 7.43 -8.35 -2.15
C TRP B 156 7.61 -6.93 -1.60
N TYR B 157 6.68 -6.54 -0.74
CA TYR B 157 6.71 -5.20 -0.18
C TYR B 157 7.89 -4.96 0.74
N PRO B 158 7.95 -5.66 1.87
CA PRO B 158 9.07 -5.43 2.77
C PRO B 158 10.38 -5.41 2.00
N ILE B 159 10.43 -6.25 0.97
CA ILE B 159 11.61 -6.41 0.11
C ILE B 159 11.93 -5.19 -0.76
N THR B 160 10.94 -4.69 -1.46
CA THR B 160 11.14 -3.56 -2.34
C THR B 160 11.40 -2.24 -1.61
N VAL B 161 10.75 -2.04 -0.45
CA VAL B 161 10.97 -0.81 0.31
C VAL B 161 12.42 -0.84 0.73
N ALA B 162 12.83 -2.00 1.19
CA ALA B 162 14.19 -2.21 1.62
C ALA B 162 15.11 -2.04 0.42
N THR B 163 14.74 -2.63 -0.71
CA THR B 163 15.54 -2.54 -1.93
C THR B 163 15.65 -1.12 -2.48
N ASN B 164 14.49 -0.50 -2.72
CA ASN B 164 14.45 0.85 -3.24
C ASN B 164 15.27 1.75 -2.32
N SER B 165 14.92 1.71 -1.04
CA SER B 165 15.57 2.50 -0.01
C SER B 165 17.08 2.36 -0.07
N ARG B 166 17.51 1.10 -0.12
CA ARG B 166 18.92 0.76 -0.15
C ARG B 166 19.61 1.41 -1.34
N GLU B 167 19.02 1.32 -2.52
CA GLU B 167 19.64 1.96 -3.67
C GLU B 167 19.91 3.40 -3.26
N GLN B 168 18.87 4.22 -3.17
CA GLN B 168 19.00 5.62 -2.80
C GLN B 168 20.20 5.90 -1.88
N LYS B 169 20.52 4.94 -1.01
CA LYS B 169 21.64 5.08 -0.10
C LYS B 169 22.96 5.08 -0.87
N LYS B 170 23.04 4.27 -1.91
CA LYS B 170 24.25 4.21 -2.74
C LYS B 170 24.42 5.54 -3.46
N ILE B 171 23.32 6.12 -3.93
CA ILE B 171 23.37 7.39 -4.64
C ILE B 171 23.86 8.48 -3.69
N LEU B 172 23.43 8.39 -2.42
CA LEU B 172 23.81 9.36 -1.41
C LEU B 172 25.24 9.06 -0.99
N ALA B 173 25.54 7.77 -0.90
CA ALA B 173 26.86 7.33 -0.52
C ALA B 173 27.92 7.83 -1.50
N LYS B 174 27.64 7.66 -2.78
CA LYS B 174 28.56 8.05 -3.83
C LYS B 174 28.81 9.56 -3.90
N TYR B 175 27.78 10.37 -3.67
CA TYR B 175 27.97 11.82 -3.73
C TYR B 175 28.52 12.42 -2.45
N LEU B 176 28.31 11.74 -1.32
CA LEU B 176 28.86 12.21 -0.07
C LEU B 176 30.38 11.99 -0.16
N LEU B 177 30.76 10.72 -0.29
CA LEU B 177 32.15 10.36 -0.37
C LEU B 177 32.90 11.22 -1.36
N GLU B 178 32.30 11.44 -2.52
CA GLU B 178 32.96 12.23 -3.54
C GLU B 178 33.07 13.70 -3.19
N THR B 179 32.09 14.17 -2.44
CA THR B 179 32.06 15.57 -2.11
C THR B 179 32.54 15.96 -0.72
N SER B 180 32.61 14.99 0.19
CA SER B 180 33.03 15.30 1.55
C SER B 180 34.23 14.48 2.00
N GLY B 181 34.47 13.37 1.32
CA GLY B 181 35.60 12.51 1.65
C GLY B 181 35.26 11.25 2.43
N ASN B 182 34.12 11.25 3.10
CA ASN B 182 33.70 10.11 3.90
C ASN B 182 32.19 9.85 3.85
N LEU B 183 31.75 8.82 4.57
CA LEU B 183 30.34 8.47 4.60
C LEU B 183 29.70 8.94 5.91
N ASP B 184 30.32 9.95 6.51
CA ASP B 184 29.79 10.50 7.75
C ASP B 184 28.38 11.04 7.58
N GLY B 185 27.45 10.47 8.35
CA GLY B 185 26.05 10.89 8.31
C GLY B 185 25.10 10.25 7.31
N LEU B 186 25.54 9.17 6.66
CA LEU B 186 24.70 8.49 5.68
C LEU B 186 23.44 7.96 6.31
N GLU B 187 23.61 7.06 7.26
CA GLU B 187 22.50 6.42 7.96
C GLU B 187 21.37 7.40 8.28
N TYR B 188 21.65 8.70 8.21
CA TYR B 188 20.64 9.71 8.51
C TYR B 188 20.27 10.68 7.38
N LYS B 189 20.63 10.37 6.13
CA LYS B 189 20.32 11.28 5.02
C LYS B 189 19.02 11.10 4.24
N LEU B 190 18.26 10.05 4.54
CA LEU B 190 16.98 9.80 3.90
C LEU B 190 16.02 9.48 5.02
N HIS B 191 15.15 10.45 5.32
CA HIS B 191 14.19 10.31 6.41
C HIS B 191 12.82 9.87 5.89
N ASP B 192 12.25 8.88 6.56
CA ASP B 192 10.94 8.36 6.17
C ASP B 192 9.84 9.28 6.62
N PHE B 193 9.04 9.74 5.66
CA PHE B 193 7.90 10.64 5.95
C PHE B 193 6.64 9.92 5.47
N GLY B 194 6.76 8.63 5.24
CA GLY B 194 5.63 7.89 4.70
C GLY B 194 4.34 7.73 5.47
N TYR B 195 4.43 7.63 6.79
CA TYR B 195 3.26 7.37 7.65
C TYR B 195 1.87 7.70 7.13
N ARG B 196 1.71 8.88 6.53
CA ARG B 196 0.42 9.29 6.02
C ARG B 196 0.21 9.13 4.52
N GLY B 197 1.18 8.52 3.84
CA GLY B 197 1.03 8.29 2.41
C GLY B 197 0.83 6.81 2.10
N VAL B 198 0.81 5.99 3.16
CA VAL B 198 0.62 4.54 3.08
C VAL B 198 -0.83 4.06 3.28
N SER B 199 -1.19 3.00 2.57
CA SER B 199 -2.53 2.39 2.60
C SER B 199 -3.18 2.24 4.00
N SER B 200 -2.54 1.46 4.85
CA SER B 200 -3.10 1.25 6.17
C SER B 200 -2.07 1.47 7.25
N GLN B 201 -2.43 1.06 8.46
CA GLN B 201 -1.57 1.18 9.64
C GLN B 201 -0.48 0.11 9.65
N GLU B 202 -0.88 -1.12 9.35
CA GLU B 202 0.04 -2.26 9.33
C GLU B 202 1.09 -2.10 8.23
N THR B 203 0.74 -1.34 7.20
CA THR B 203 1.63 -1.08 6.07
C THR B 203 2.80 -0.21 6.49
N ALA B 204 2.50 0.94 7.10
CA ALA B 204 3.54 1.86 7.53
C ALA B 204 4.42 1.15 8.55
N GLY B 205 3.83 0.19 9.26
CA GLY B 205 4.60 -0.55 10.22
C GLY B 205 5.65 -1.34 9.48
N ILE B 206 5.16 -2.28 8.65
CA ILE B 206 6.03 -3.13 7.83
C ILE B 206 6.99 -2.32 6.96
N GLY B 207 6.45 -1.29 6.31
CA GLY B 207 7.25 -0.46 5.44
C GLY B 207 8.37 0.28 6.16
N ALA B 208 8.03 1.08 7.16
CA ALA B 208 9.06 1.83 7.86
C ALA B 208 10.19 0.89 8.32
N SER B 209 9.82 -0.26 8.86
CA SER B 209 10.82 -1.22 9.31
C SER B 209 11.76 -1.60 8.18
N ALA B 210 11.29 -1.51 6.93
CA ALA B 210 12.14 -1.87 5.79
C ALA B 210 13.10 -0.76 5.37
N HIS B 211 12.81 0.47 5.79
CA HIS B 211 13.67 1.60 5.48
C HIS B 211 14.86 1.58 6.46
N LEU B 212 14.54 1.23 7.71
CA LEU B 212 15.52 1.20 8.77
C LEU B 212 16.61 0.17 8.53
N VAL B 213 16.30 -0.86 7.74
CA VAL B 213 17.31 -1.87 7.42
C VAL B 213 18.47 -1.09 6.81
N ASN B 214 18.12 -0.02 6.13
CA ASN B 214 19.07 0.80 5.42
C ASN B 214 19.48 2.09 6.11
N PHE B 215 18.51 2.85 6.61
CA PHE B 215 18.83 4.09 7.30
C PHE B 215 18.36 4.02 8.76
N LYS B 216 18.38 5.16 9.45
CA LYS B 216 17.99 5.21 10.86
C LYS B 216 16.92 6.24 11.22
N GLY B 217 16.71 7.21 10.34
CA GLY B 217 15.72 8.24 10.62
C GLY B 217 14.32 7.90 10.17
N THR B 218 13.37 7.98 11.11
CA THR B 218 11.97 7.69 10.79
C THR B 218 11.00 8.51 11.66
N ASP B 219 9.87 8.88 11.07
CA ASP B 219 8.86 9.64 11.78
C ASP B 219 7.73 8.67 12.09
N THR B 220 7.89 7.46 11.57
CA THR B 220 6.93 6.37 11.72
C THR B 220 7.31 5.48 12.89
N VAL B 221 6.72 5.73 14.06
CA VAL B 221 7.02 4.92 15.25
C VAL B 221 6.55 3.50 15.08
N ALA B 222 5.39 3.34 14.44
CA ALA B 222 4.82 2.02 14.20
C ALA B 222 5.88 1.02 13.74
N GLY B 223 6.75 1.45 12.83
CA GLY B 223 7.80 0.59 12.32
C GLY B 223 8.65 -0.07 13.39
N ILE B 224 9.13 0.72 14.35
CA ILE B 224 9.96 0.24 15.46
C ILE B 224 9.31 -0.93 16.20
N ALA B 225 8.04 -0.79 16.57
CA ALA B 225 7.31 -1.84 17.28
C ALA B 225 7.61 -3.17 16.59
N LEU B 226 7.34 -3.21 15.31
CA LEU B 226 7.56 -4.37 14.48
C LEU B 226 8.97 -4.95 14.65
N ILE B 227 9.99 -4.08 14.60
CA ILE B 227 11.37 -4.53 14.73
C ILE B 227 11.68 -5.21 16.05
N LYS B 228 11.36 -4.56 17.17
CA LYS B 228 11.62 -5.14 18.48
C LYS B 228 10.84 -6.42 18.69
N LYS B 229 9.54 -6.38 18.43
CA LYS B 229 8.69 -7.56 18.60
C LYS B 229 8.97 -8.72 17.64
N TYR B 230 9.49 -8.42 16.44
CA TYR B 230 9.75 -9.44 15.42
C TYR B 230 11.18 -9.74 15.01
N TYR B 231 12.12 -8.88 15.37
CA TYR B 231 13.53 -9.08 15.00
C TYR B 231 14.49 -8.76 16.15
N GLY B 232 14.20 -7.69 16.89
CA GLY B 232 15.04 -7.32 18.01
C GLY B 232 16.33 -6.60 17.65
N THR B 233 16.60 -5.53 18.39
CA THR B 233 17.80 -4.71 18.20
C THR B 233 18.54 -4.69 19.53
N LYS B 234 19.86 -4.60 19.47
CA LYS B 234 20.68 -4.53 20.66
C LYS B 234 20.99 -3.06 20.76
N ASP B 235 20.66 -2.39 19.66
CA ASP B 235 20.84 -0.96 19.50
C ASP B 235 19.84 -0.29 20.45
N PRO B 236 20.05 0.99 20.76
CA PRO B 236 19.11 1.67 21.65
C PRO B 236 18.14 2.42 20.74
N VAL B 237 18.73 3.11 19.75
CA VAL B 237 17.99 3.88 18.77
C VAL B 237 17.82 3.12 17.43
N PRO B 238 16.80 2.24 17.34
CA PRO B 238 16.68 1.57 16.05
C PRO B 238 16.24 2.61 15.01
N GLY B 239 15.40 3.53 15.47
CA GLY B 239 14.91 4.61 14.63
C GLY B 239 15.05 5.88 15.47
N TYR B 240 15.32 7.01 14.83
CA TYR B 240 15.52 8.27 15.57
C TYR B 240 14.91 9.46 14.82
N SER B 241 14.45 10.46 15.58
CA SER B 241 13.87 11.66 14.99
C SER B 241 14.05 12.87 15.90
N VAL B 242 13.89 14.06 15.32
CA VAL B 242 14.04 15.32 16.05
C VAL B 242 12.75 16.12 15.91
N PRO B 243 12.54 17.11 16.80
CA PRO B 243 11.33 17.92 16.73
C PRO B 243 11.32 18.84 15.51
N ALA B 244 10.19 18.88 14.82
CA ALA B 244 10.06 19.70 13.62
C ALA B 244 8.79 20.54 13.68
N ALA B 245 8.60 21.35 12.66
CA ALA B 245 7.41 22.18 12.56
C ALA B 245 6.68 21.69 11.34
N GLU B 246 5.35 21.79 11.36
CA GLU B 246 4.51 21.41 10.22
C GLU B 246 3.76 22.68 9.78
N HIS B 247 2.89 22.59 8.79
CA HIS B 247 2.23 23.81 8.33
C HIS B 247 1.22 24.51 9.23
N SER B 248 0.68 23.81 10.23
CA SER B 248 -0.27 24.44 11.12
C SER B 248 0.42 25.14 12.29
N THR B 249 1.51 24.55 12.81
CA THR B 249 2.22 25.15 13.95
C THR B 249 2.88 26.46 13.57
N ILE B 250 2.77 26.84 12.30
CA ILE B 250 3.36 28.07 11.82
C ILE B 250 2.30 29.04 11.33
N THR B 251 1.33 28.55 10.57
CA THR B 251 0.29 29.45 10.09
C THR B 251 -0.69 29.91 11.17
N ALA B 252 -0.83 29.12 12.23
CA ALA B 252 -1.72 29.44 13.35
C ALA B 252 -1.33 30.78 14.00
N TRP B 253 -0.07 31.18 13.80
CA TRP B 253 0.43 32.43 14.34
C TRP B 253 -0.09 33.61 13.53
N GLY B 254 -0.41 33.32 12.27
CA GLY B 254 -0.93 34.34 11.40
C GLY B 254 -0.10 34.75 10.21
N LYS B 255 -0.81 34.98 9.11
CA LYS B 255 -0.24 35.41 7.86
C LYS B 255 0.98 36.31 8.04
N ASP B 256 0.90 37.24 8.99
CA ASP B 256 1.99 38.19 9.24
C ASP B 256 2.87 37.92 10.46
N HIS B 257 2.82 36.70 10.99
CA HIS B 257 3.65 36.35 12.14
C HIS B 257 4.39 35.04 11.94
N GLU B 258 4.80 34.79 10.70
CA GLU B 258 5.55 33.59 10.34
C GLU B 258 6.81 33.52 11.21
N LYS B 259 7.38 34.69 11.43
CA LYS B 259 8.59 34.86 12.20
C LYS B 259 8.54 34.71 13.72
N ASP B 260 7.41 34.98 14.36
CA ASP B 260 7.35 34.84 15.80
C ASP B 260 7.38 33.36 16.12
N ALA B 261 6.83 32.57 15.22
CA ALA B 261 6.82 31.13 15.36
C ALA B 261 8.24 30.60 15.10
N PHE B 262 8.82 30.99 13.96
CA PHE B 262 10.17 30.57 13.62
C PHE B 262 11.04 30.68 14.86
N GLU B 263 10.92 31.83 15.54
CA GLU B 263 11.68 32.12 16.74
C GLU B 263 11.10 31.52 18.01
N HIS B 264 9.84 31.14 17.97
CA HIS B 264 9.24 30.51 19.15
C HIS B 264 9.61 29.05 19.09
N ILE B 265 9.99 28.60 17.89
CA ILE B 265 10.33 27.21 17.67
C ILE B 265 11.82 26.96 17.73
N VAL B 266 12.60 28.00 17.52
CA VAL B 266 14.04 27.84 17.58
C VAL B 266 14.54 28.26 18.96
N THR B 267 13.60 28.39 19.88
CA THR B 267 13.90 28.76 21.25
C THR B 267 13.39 27.62 22.12
N GLN B 268 12.25 27.06 21.72
CA GLN B 268 11.68 25.95 22.45
C GLN B 268 12.66 24.81 22.31
N PHE B 269 13.07 24.52 21.07
CA PHE B 269 14.02 23.44 20.84
C PHE B 269 15.38 24.05 20.49
N SER B 270 15.91 24.75 21.48
CA SER B 270 17.17 25.44 21.40
C SER B 270 18.37 24.51 21.50
N SER B 271 18.22 23.40 22.21
CA SER B 271 19.34 22.48 22.40
C SER B 271 19.19 21.09 21.79
N VAL B 272 18.58 21.03 20.61
CA VAL B 272 18.41 19.77 19.89
C VAL B 272 18.24 20.20 18.45
N PRO B 273 18.58 19.33 17.50
CA PRO B 273 18.37 19.82 16.13
C PRO B 273 16.88 20.05 15.97
N VAL B 274 16.50 20.99 15.12
CA VAL B 274 15.09 21.29 14.89
C VAL B 274 14.87 21.70 13.44
N SER B 275 13.79 21.22 12.85
CA SER B 275 13.49 21.54 11.47
C SER B 275 12.31 22.48 11.43
N VAL B 276 12.37 23.50 10.57
CA VAL B 276 11.27 24.43 10.45
C VAL B 276 10.89 24.67 8.99
N VAL B 277 9.71 24.17 8.61
CA VAL B 277 9.22 24.33 7.25
C VAL B 277 9.25 25.81 6.97
N SER B 278 9.63 26.18 5.76
CA SER B 278 9.70 27.58 5.46
C SER B 278 8.98 27.98 4.17
N ASP B 279 8.12 27.10 3.68
CA ASP B 279 7.39 27.39 2.46
C ASP B 279 5.91 27.68 2.71
N SER B 280 5.57 28.16 3.88
CA SER B 280 4.18 28.49 4.15
C SER B 280 3.84 29.55 3.14
N TYR B 281 4.57 30.65 3.24
CA TYR B 281 4.43 31.79 2.35
C TYR B 281 5.87 32.01 1.87
N ASP B 282 6.03 32.24 0.57
CA ASP B 282 7.35 32.49 -0.03
C ASP B 282 8.57 31.96 0.75
N ILE B 283 9.10 30.81 0.33
CA ILE B 283 10.26 30.22 0.99
C ILE B 283 11.58 30.85 0.61
N TYR B 284 11.59 32.12 0.24
CA TYR B 284 12.85 32.74 -0.09
C TYR B 284 12.98 33.94 0.83
N ASN B 285 11.82 34.42 1.28
CA ASN B 285 11.78 35.53 2.20
C ASN B 285 12.22 34.94 3.51
N ALA B 286 11.71 33.73 3.78
CA ALA B 286 12.04 33.03 5.01
C ALA B 286 13.55 32.88 5.07
N CYS B 287 14.11 32.24 4.07
CA CYS B 287 15.54 32.06 4.05
C CYS B 287 16.26 33.39 4.03
N GLU B 288 15.98 34.23 3.03
CA GLU B 288 16.69 35.50 2.96
C GLU B 288 16.51 36.40 4.17
N LYS B 289 15.43 37.18 4.23
CA LYS B 289 15.28 38.08 5.36
C LYS B 289 14.98 37.50 6.75
N ILE B 290 14.05 36.56 6.85
CA ILE B 290 13.70 36.01 8.16
C ILE B 290 14.80 35.23 8.90
N TRP B 291 15.45 34.28 8.23
CA TRP B 291 16.51 33.51 8.86
C TRP B 291 17.85 34.25 8.71
N GLY B 292 18.04 34.88 7.56
CA GLY B 292 19.29 35.58 7.29
C GLY B 292 19.44 36.96 7.90
N GLU B 293 18.36 37.49 8.45
CA GLU B 293 18.39 38.80 9.06
C GLU B 293 17.65 38.86 10.41
N ASP B 294 16.35 39.05 10.36
CA ASP B 294 15.53 39.15 11.57
C ASP B 294 15.82 38.16 12.70
N LEU B 295 15.99 36.87 12.39
CA LEU B 295 16.25 35.87 13.44
C LEU B 295 17.64 35.26 13.36
N ARG B 296 18.51 35.87 12.55
CA ARG B 296 19.85 35.34 12.36
C ARG B 296 20.66 35.13 13.63
N HIS B 297 20.44 35.95 14.66
CA HIS B 297 21.18 35.82 15.92
C HIS B 297 20.82 34.61 16.76
N LEU B 298 19.62 34.07 16.60
CA LEU B 298 19.24 32.90 17.38
C LEU B 298 19.82 31.65 16.69
N ILE B 299 20.42 31.86 15.52
CA ILE B 299 20.99 30.78 14.72
C ILE B 299 22.49 30.58 14.90
N VAL B 300 23.27 31.63 14.66
CA VAL B 300 24.72 31.48 14.80
C VAL B 300 25.07 31.16 16.23
N SER B 301 24.08 31.28 17.11
CA SER B 301 24.30 31.02 18.53
C SER B 301 23.81 29.61 18.90
N ARG B 302 24.02 28.64 18.01
CA ARG B 302 23.60 27.26 18.26
C ARG B 302 24.73 26.27 18.08
N SER B 303 24.70 25.20 18.86
CA SER B 303 25.74 24.18 18.75
C SER B 303 25.62 23.41 17.45
N THR B 304 26.67 22.69 17.08
CA THR B 304 26.63 21.90 15.84
C THR B 304 25.97 20.58 16.18
N GLU B 305 25.89 20.30 17.48
CA GLU B 305 25.28 19.09 17.99
C GLU B 305 23.75 19.25 17.87
N ALA B 306 23.30 20.47 17.61
CA ALA B 306 21.87 20.73 17.47
C ALA B 306 21.66 21.94 16.58
N PRO B 307 21.76 21.77 15.26
CA PRO B 307 21.57 22.86 14.29
C PRO B 307 20.14 23.12 13.89
N LEU B 308 19.96 24.16 13.09
CA LEU B 308 18.66 24.53 12.58
C LEU B 308 18.52 23.88 11.22
N ILE B 309 17.48 23.08 11.02
CA ILE B 309 17.27 22.47 9.73
C ILE B 309 16.17 23.25 9.02
N ILE B 310 16.52 23.85 7.88
CA ILE B 310 15.57 24.60 7.08
C ILE B 310 14.93 23.55 6.18
N ARG B 311 13.61 23.59 6.07
CA ARG B 311 12.93 22.57 5.29
C ARG B 311 11.96 23.01 4.22
N PRO B 312 12.44 23.20 2.97
CA PRO B 312 11.49 23.61 1.94
C PRO B 312 10.55 22.42 1.68
N ASP B 313 9.39 22.69 1.07
CA ASP B 313 8.40 21.65 0.76
C ASP B 313 7.41 22.15 -0.29
N SER B 314 7.94 22.55 -1.43
CA SER B 314 7.14 23.04 -2.56
C SER B 314 8.14 23.56 -3.57
N GLY B 315 7.74 23.58 -4.84
CA GLY B 315 8.61 24.07 -5.88
C GLY B 315 9.41 22.95 -6.51
N ASN B 316 10.16 23.27 -7.56
CA ASN B 316 10.96 22.26 -8.21
C ASN B 316 12.02 21.80 -7.23
N PRO B 317 11.93 20.53 -6.79
CA PRO B 317 12.91 20.00 -5.82
C PRO B 317 14.39 20.35 -6.05
N LEU B 318 14.85 20.49 -7.29
CA LEU B 318 16.26 20.86 -7.47
C LEU B 318 16.49 22.36 -7.50
N ASP B 319 15.79 23.06 -8.38
CA ASP B 319 15.94 24.51 -8.49
C ASP B 319 15.90 25.12 -7.10
N THR B 320 15.07 24.53 -6.24
CA THR B 320 14.87 25.02 -4.87
C THR B 320 16.05 24.80 -3.92
N VAL B 321 16.57 23.59 -3.87
CA VAL B 321 17.70 23.32 -3.01
C VAL B 321 18.84 24.26 -3.36
N LEU B 322 19.07 24.43 -4.66
CA LEU B 322 20.14 25.29 -5.16
C LEU B 322 20.02 26.77 -4.81
N LYS B 323 18.82 27.32 -4.95
CA LYS B 323 18.59 28.73 -4.63
C LYS B 323 18.60 28.88 -3.12
N VAL B 324 17.90 28.00 -2.41
CA VAL B 324 17.87 28.06 -0.95
C VAL B 324 19.30 28.18 -0.43
N LEU B 325 20.18 27.35 -0.97
CA LEU B 325 21.60 27.33 -0.59
C LEU B 325 22.32 28.60 -1.03
N ASP B 326 22.06 29.05 -2.25
CA ASP B 326 22.66 30.27 -2.75
C ASP B 326 22.20 31.42 -1.89
N ILE B 327 20.98 31.31 -1.36
CA ILE B 327 20.44 32.35 -0.52
C ILE B 327 21.15 32.28 0.85
N LEU B 328 21.30 31.08 1.40
CA LEU B 328 21.97 30.95 2.69
C LEU B 328 23.46 31.23 2.64
N GLY B 329 24.11 30.87 1.53
CA GLY B 329 25.52 31.13 1.41
C GLY B 329 25.76 32.63 1.48
N LYS B 330 24.78 33.41 1.01
CA LYS B 330 24.89 34.85 1.02
C LYS B 330 24.63 35.46 2.38
N LYS B 331 23.90 34.74 3.23
CA LYS B 331 23.62 35.24 4.56
C LYS B 331 24.56 34.71 5.61
N PHE B 332 25.03 33.47 5.44
CA PHE B 332 25.93 32.89 6.44
C PHE B 332 27.39 32.67 5.99
N PRO B 333 28.29 32.32 6.95
CA PRO B 333 29.70 32.09 6.64
C PRO B 333 30.01 30.70 6.06
N VAL B 334 30.19 30.64 4.74
CA VAL B 334 30.47 29.38 4.06
C VAL B 334 31.93 29.00 3.88
N SER B 335 32.26 27.78 4.24
CA SER B 335 33.63 27.32 4.09
C SER B 335 33.74 26.50 2.82
N GLU B 336 34.96 26.11 2.46
CA GLU B 336 35.25 25.27 1.30
C GLU B 336 35.97 24.08 1.90
N ASN B 337 36.23 23.04 1.12
CA ASN B 337 36.90 21.90 1.73
C ASN B 337 37.84 21.13 0.85
N SER B 338 38.57 20.23 1.52
CA SER B 338 39.58 19.38 0.93
C SER B 338 39.23 18.88 -0.47
N LYS B 339 37.96 18.69 -0.76
CA LYS B 339 37.57 18.20 -2.06
C LYS B 339 37.20 19.36 -2.96
N GLY B 340 37.05 20.53 -2.35
CA GLY B 340 36.72 21.72 -3.09
C GLY B 340 35.25 22.03 -3.09
N TYR B 341 34.48 21.33 -2.27
CA TYR B 341 33.06 21.61 -2.24
C TYR B 341 32.70 22.48 -1.04
N LYS B 342 31.78 23.41 -1.25
CA LYS B 342 31.41 24.35 -0.21
C LYS B 342 30.47 23.79 0.86
N LEU B 343 30.68 24.22 2.10
CA LEU B 343 29.90 23.76 3.24
C LEU B 343 29.43 24.98 4.03
N LEU B 344 28.26 24.91 4.62
CA LEU B 344 27.82 26.05 5.41
C LEU B 344 28.12 25.80 6.87
N PRO B 345 28.00 26.85 7.70
CA PRO B 345 28.26 26.75 9.14
C PRO B 345 27.57 25.59 9.84
N PRO B 346 28.28 24.96 10.77
CA PRO B 346 27.90 23.80 11.60
C PRO B 346 26.49 23.85 12.17
N TYR B 347 26.04 25.05 12.51
CA TYR B 347 24.74 25.26 13.12
C TYR B 347 23.57 25.44 12.18
N LEU B 348 23.75 25.09 10.90
CA LEU B 348 22.69 25.30 9.90
C LEU B 348 22.71 24.27 8.75
N ARG B 349 21.60 23.57 8.55
CA ARG B 349 21.49 22.58 7.48
C ARG B 349 20.17 22.65 6.74
N VAL B 350 19.98 21.69 5.83
CA VAL B 350 18.79 21.62 5.01
C VAL B 350 18.21 20.22 4.88
N ILE B 351 16.88 20.13 4.93
CA ILE B 351 16.18 18.85 4.78
C ILE B 351 15.25 19.12 3.63
N GLN B 352 15.26 18.22 2.65
CA GLN B 352 14.44 18.39 1.47
C GLN B 352 13.44 17.25 1.41
N GLY B 353 12.32 17.39 2.10
CA GLY B 353 11.35 16.31 2.08
C GLY B 353 10.15 16.67 1.25
N ASP B 354 10.03 16.08 0.06
CA ASP B 354 8.93 16.38 -0.86
C ASP B 354 9.40 16.23 -2.29
N GLY B 355 8.63 15.51 -3.09
CA GLY B 355 9.02 15.30 -4.48
C GLY B 355 10.33 14.56 -4.56
N VAL B 356 10.61 13.75 -3.54
CA VAL B 356 11.86 13.01 -3.50
C VAL B 356 11.67 11.52 -3.71
N ASP B 357 12.26 11.01 -4.78
CA ASP B 357 12.22 9.59 -5.11
C ASP B 357 13.61 9.21 -5.66
N ILE B 358 13.82 7.92 -5.89
CA ILE B 358 15.10 7.47 -6.39
C ILE B 358 15.54 8.26 -7.63
N ASN B 359 14.60 8.54 -8.55
CA ASN B 359 14.97 9.28 -9.77
C ASN B 359 15.37 10.72 -9.44
N THR B 360 14.42 11.47 -8.93
CA THR B 360 14.63 12.86 -8.52
C THR B 360 15.87 13.04 -7.62
N LEU B 361 16.03 12.15 -6.64
CA LEU B 361 17.14 12.22 -5.72
C LEU B 361 18.47 12.44 -6.42
N GLN B 362 18.75 11.57 -7.39
CA GLN B 362 19.98 11.63 -8.17
C GLN B 362 20.13 12.97 -8.94
N GLU B 363 19.01 13.52 -9.38
CA GLU B 363 19.02 14.78 -10.12
C GLU B 363 19.46 15.90 -9.18
N ILE B 364 19.22 15.71 -7.88
CA ILE B 364 19.57 16.72 -6.90
C ILE B 364 21.04 16.74 -6.54
N VAL B 365 21.61 15.58 -6.22
CA VAL B 365 23.01 15.56 -5.85
C VAL B 365 23.99 15.79 -7.01
N GLU B 366 23.62 15.43 -8.23
CA GLU B 366 24.53 15.65 -9.34
C GLU B 366 24.48 17.14 -9.64
N GLY B 367 23.27 17.68 -9.59
CA GLY B 367 23.08 19.09 -9.84
C GLY B 367 23.73 19.90 -8.75
N MET B 368 23.73 19.34 -7.54
CA MET B 368 24.35 20.00 -6.38
C MET B 368 25.86 19.93 -6.49
N LYS B 369 26.35 18.95 -7.23
CA LYS B 369 27.79 18.76 -7.38
C LYS B 369 28.37 19.71 -8.41
N GLN B 370 27.67 19.89 -9.53
CA GLN B 370 28.18 20.79 -10.56
C GLN B 370 28.23 22.20 -10.00
N LYS B 371 27.30 22.49 -9.08
CA LYS B 371 27.26 23.81 -8.45
C LYS B 371 28.23 23.82 -7.28
N LYS B 372 28.68 22.63 -6.88
CA LYS B 372 29.64 22.45 -5.79
C LYS B 372 29.11 22.61 -4.37
N TRP B 373 28.15 21.80 -3.92
CA TRP B 373 27.68 22.03 -2.57
C TRP B 373 27.95 21.06 -1.45
N SER B 374 28.17 19.79 -1.75
CA SER B 374 28.44 18.85 -0.67
C SER B 374 27.21 18.30 -0.01
N ILE B 375 26.94 17.04 -0.31
CA ILE B 375 25.79 16.33 0.22
C ILE B 375 25.68 16.37 1.75
N GLU B 376 26.59 17.06 2.42
CA GLU B 376 26.55 17.15 3.88
C GLU B 376 25.62 18.28 4.34
N ASN B 377 25.47 19.31 3.51
CA ASN B 377 24.60 20.41 3.88
C ASN B 377 23.18 19.90 3.89
N VAL B 378 22.88 19.09 2.88
CA VAL B 378 21.54 18.58 2.71
C VAL B 378 21.32 17.11 3.00
N SER B 379 20.12 16.83 3.48
CA SER B 379 19.65 15.51 3.82
C SER B 379 18.24 15.48 3.25
N PHE B 380 17.78 14.35 2.75
CA PHE B 380 16.46 14.30 2.17
C PHE B 380 15.39 13.61 3.00
N GLY B 381 14.15 13.81 2.55
CA GLY B 381 13.02 13.22 3.20
C GLY B 381 12.01 12.79 2.15
N SER B 382 11.69 11.49 2.13
CA SER B 382 10.74 10.96 1.19
C SER B 382 9.55 10.38 1.95
N GLY B 383 8.37 10.50 1.36
CA GLY B 383 7.16 9.98 1.99
C GLY B 383 6.39 8.93 1.20
N GLY B 384 5.63 9.35 0.20
CA GLY B 384 4.86 8.41 -0.61
C GLY B 384 5.75 7.47 -1.41
N ALA B 385 6.62 8.06 -2.21
CA ALA B 385 7.55 7.27 -3.01
C ALA B 385 8.32 6.26 -2.13
N LEU B 386 8.59 6.61 -0.88
CA LEU B 386 9.36 5.75 0.00
C LEU B 386 8.61 4.53 0.50
N LEU B 387 7.39 4.75 0.99
CA LEU B 387 6.54 3.71 1.55
C LEU B 387 5.45 3.17 0.62
N GLN B 388 4.82 4.06 -0.13
CA GLN B 388 3.78 3.67 -1.08
C GLN B 388 4.39 3.88 -2.45
N LYS B 389 3.68 3.56 -3.52
CA LYS B 389 4.23 3.75 -4.88
C LYS B 389 5.24 2.68 -5.22
N LEU B 390 5.11 1.52 -4.62
CA LEU B 390 5.99 0.42 -4.93
C LEU B 390 5.06 -0.62 -5.51
N THR B 391 5.56 -1.44 -6.40
CA THR B 391 4.73 -2.43 -7.05
C THR B 391 5.38 -3.77 -6.99
N ARG B 392 4.55 -4.79 -7.11
CA ARG B 392 5.07 -6.12 -7.13
C ARG B 392 5.78 -6.25 -8.48
N ASP B 393 5.42 -5.38 -9.43
CA ASP B 393 6.02 -5.40 -10.77
C ASP B 393 7.51 -5.01 -10.87
N LEU B 394 8.00 -4.10 -10.04
CA LEU B 394 9.43 -3.80 -10.06
C LEU B 394 9.97 -5.03 -9.36
N LEU B 395 11.02 -5.64 -9.90
CA LEU B 395 11.59 -6.86 -9.31
C LEU B 395 10.78 -8.08 -9.71
N ASN B 396 9.67 -7.85 -10.40
CA ASN B 396 8.80 -8.92 -10.86
C ASN B 396 8.70 -10.00 -9.81
N CYS B 397 8.36 -9.61 -8.59
CA CYS B 397 8.23 -10.58 -7.52
C CYS B 397 7.18 -11.61 -7.91
N SER B 398 7.64 -12.84 -8.06
CA SER B 398 6.76 -13.92 -8.46
C SER B 398 7.03 -15.21 -7.70
N PHE B 399 5.94 -15.83 -7.25
CA PHE B 399 5.96 -17.09 -6.51
C PHE B 399 5.33 -18.13 -7.44
N LYS B 400 6.09 -19.16 -7.80
CA LYS B 400 5.56 -20.19 -8.70
C LYS B 400 5.96 -21.61 -8.27
N CYS B 401 5.28 -22.60 -8.83
CA CYS B 401 5.53 -24.00 -8.51
C CYS B 401 6.52 -24.59 -9.51
N SER B 402 7.52 -25.32 -9.03
CA SER B 402 8.50 -25.94 -9.93
C SER B 402 8.71 -27.44 -9.73
N TYR B 403 8.19 -27.97 -8.64
CA TYR B 403 8.31 -29.40 -8.36
C TYR B 403 6.99 -29.89 -7.78
N VAL B 404 6.62 -31.13 -8.11
CA VAL B 404 5.38 -31.73 -7.63
C VAL B 404 5.55 -33.24 -7.78
N VAL B 405 5.19 -34.00 -6.73
CA VAL B 405 5.28 -35.46 -6.83
C VAL B 405 3.88 -36.05 -7.08
N THR B 406 3.70 -36.57 -8.29
CA THR B 406 2.43 -37.16 -8.72
C THR B 406 2.56 -38.65 -9.01
N ASN B 407 1.92 -39.45 -8.17
CA ASN B 407 1.97 -40.90 -8.28
C ASN B 407 3.33 -41.48 -7.97
N GLY B 408 3.97 -40.92 -6.94
CA GLY B 408 5.26 -41.44 -6.54
C GLY B 408 6.54 -40.91 -7.17
N LEU B 409 6.52 -40.41 -8.41
CA LEU B 409 7.76 -39.92 -9.01
C LEU B 409 8.01 -38.42 -9.01
N GLY B 410 6.96 -37.62 -9.10
CA GLY B 410 7.18 -36.18 -9.09
C GLY B 410 7.88 -35.66 -10.33
N VAL B 411 7.36 -34.57 -10.88
CA VAL B 411 7.91 -33.98 -12.08
C VAL B 411 8.29 -32.51 -11.96
N ASN B 412 9.30 -32.13 -12.72
CA ASN B 412 9.78 -30.76 -12.75
C ASN B 412 8.78 -29.95 -13.56
N VAL B 413 8.07 -29.07 -12.85
CA VAL B 413 7.05 -28.16 -13.39
C VAL B 413 7.68 -26.86 -13.95
N PHE B 414 6.84 -25.94 -14.42
CA PHE B 414 7.26 -24.64 -14.96
C PHE B 414 6.25 -24.17 -15.99
N LYS B 415 6.17 -22.85 -16.16
CA LYS B 415 5.27 -22.28 -17.16
C LYS B 415 6.20 -21.63 -18.15
N ASP B 416 5.79 -21.57 -19.42
CA ASP B 416 6.63 -20.94 -20.45
C ASP B 416 5.70 -20.36 -21.52
N PRO B 417 5.17 -19.16 -21.28
CA PRO B 417 4.29 -18.56 -22.28
C PRO B 417 5.00 -18.28 -23.60
N VAL B 418 4.30 -17.58 -24.48
CA VAL B 418 4.83 -17.19 -25.78
C VAL B 418 4.17 -15.85 -26.08
N ALA B 419 4.37 -14.92 -25.15
CA ALA B 419 3.82 -13.58 -25.23
C ALA B 419 4.71 -12.82 -24.26
N ASP B 420 5.29 -13.58 -23.33
CA ASP B 420 6.20 -13.04 -22.35
C ASP B 420 7.10 -14.17 -21.89
N PRO B 421 8.02 -14.61 -22.77
CA PRO B 421 8.97 -15.68 -22.51
C PRO B 421 9.97 -15.30 -21.41
N ASN B 422 9.71 -14.16 -20.78
CA ASN B 422 10.52 -13.69 -19.67
C ASN B 422 9.85 -14.32 -18.47
N LYS B 423 8.56 -14.57 -18.62
CA LYS B 423 7.72 -15.17 -17.58
C LYS B 423 7.91 -16.67 -17.42
N ARG B 424 9.01 -17.19 -17.96
CA ARG B 424 9.32 -18.60 -17.87
C ARG B 424 9.22 -18.99 -16.38
N SER B 425 9.63 -20.21 -16.08
CA SER B 425 9.60 -20.70 -14.71
C SER B 425 10.72 -21.72 -14.55
N LYS B 426 11.28 -21.77 -13.35
CA LYS B 426 12.36 -22.71 -13.10
C LYS B 426 11.76 -24.10 -12.96
N LYS B 427 12.57 -25.11 -13.24
CA LYS B 427 12.09 -26.48 -13.16
C LYS B 427 12.70 -27.26 -11.98
N GLY B 428 11.91 -28.19 -11.44
CA GLY B 428 12.36 -29.03 -10.35
C GLY B 428 12.76 -28.30 -9.09
N ARG B 429 13.37 -29.06 -8.17
CA ARG B 429 13.83 -28.54 -6.90
C ARG B 429 15.03 -27.63 -7.11
N LEU B 430 14.95 -26.44 -6.52
CA LEU B 430 15.99 -25.44 -6.66
C LEU B 430 16.93 -25.39 -5.46
N SER B 431 18.06 -24.70 -5.64
CA SER B 431 19.06 -24.56 -4.58
C SER B 431 19.90 -23.34 -4.89
N LEU B 432 20.20 -22.55 -3.86
CA LEU B 432 20.99 -21.34 -4.04
C LEU B 432 22.44 -21.59 -3.62
N HIS B 433 23.36 -21.30 -4.53
CA HIS B 433 24.76 -21.54 -4.27
C HIS B 433 25.64 -20.33 -4.49
N ARG B 434 26.88 -20.41 -4.03
CA ARG B 434 27.79 -19.31 -4.19
C ARG B 434 28.83 -19.75 -5.19
N THR B 435 28.97 -18.96 -6.25
CA THR B 435 29.91 -19.24 -7.31
C THR B 435 31.35 -18.87 -6.99
N PRO B 436 32.31 -19.62 -7.56
CA PRO B 436 33.74 -19.39 -7.35
C PRO B 436 34.19 -17.97 -7.67
N ALA B 437 33.36 -17.23 -8.40
CA ALA B 437 33.71 -15.86 -8.75
C ALA B 437 33.18 -14.89 -7.69
N GLY B 438 32.31 -15.38 -6.81
CA GLY B 438 31.82 -14.50 -5.78
C GLY B 438 30.35 -14.11 -5.76
N THR B 439 29.57 -14.50 -6.77
CA THR B 439 28.16 -14.14 -6.74
C THR B 439 27.25 -15.34 -6.39
N PHE B 440 26.04 -15.36 -6.93
CA PHE B 440 25.13 -16.46 -6.63
C PHE B 440 24.65 -17.16 -7.88
N VAL B 441 23.88 -18.22 -7.67
CA VAL B 441 23.33 -19.00 -8.75
C VAL B 441 22.32 -20.00 -8.22
N THR B 442 21.15 -20.06 -8.85
CA THR B 442 20.15 -21.01 -8.42
C THR B 442 20.30 -22.19 -9.33
N LEU B 443 20.56 -23.34 -8.74
CA LEU B 443 20.69 -24.56 -9.51
C LEU B 443 19.31 -25.20 -9.45
N GLU B 444 18.80 -25.61 -10.61
CA GLU B 444 17.47 -26.23 -10.69
C GLU B 444 17.50 -27.68 -11.15
N GLU B 445 16.33 -28.29 -11.26
CA GLU B 445 16.23 -29.69 -11.66
C GLU B 445 16.87 -30.53 -10.57
N GLY B 446 16.61 -30.14 -9.31
CA GLY B 446 17.15 -30.82 -8.14
C GLY B 446 18.64 -31.05 -8.23
N LYS B 447 19.21 -30.48 -9.29
CA LYS B 447 20.61 -30.57 -9.67
C LYS B 447 21.65 -30.12 -8.65
N GLY B 448 21.25 -29.25 -7.73
CA GLY B 448 22.21 -28.82 -6.75
C GLY B 448 22.64 -30.03 -5.94
N ASP B 449 21.95 -31.13 -6.18
CA ASP B 449 22.25 -32.34 -5.44
C ASP B 449 23.56 -33.02 -5.78
N LEU B 450 24.06 -32.80 -7.00
CA LEU B 450 25.35 -33.38 -7.33
C LEU B 450 26.22 -32.38 -6.60
N GLU B 451 26.15 -32.39 -5.26
CA GLU B 451 26.93 -31.47 -4.44
C GLU B 451 28.21 -31.11 -5.17
N GLU B 452 28.37 -29.84 -5.52
CA GLU B 452 29.56 -29.43 -6.24
C GLU B 452 29.65 -27.94 -6.47
N TYR B 453 28.95 -27.18 -5.62
CA TYR B 453 28.94 -25.72 -5.70
C TYR B 453 29.00 -25.22 -4.26
N GLY B 454 28.96 -26.17 -3.33
CA GLY B 454 28.96 -25.84 -1.93
C GLY B 454 27.55 -26.19 -1.47
N HIS B 455 27.11 -25.64 -0.35
CA HIS B 455 25.77 -25.94 0.13
C HIS B 455 24.74 -24.87 -0.18
N ASP B 456 23.49 -25.30 -0.17
CA ASP B 456 22.34 -24.44 -0.39
C ASP B 456 22.48 -23.34 0.68
N LEU B 457 22.42 -22.08 0.27
CA LEU B 457 22.54 -20.97 1.22
C LEU B 457 21.21 -20.75 1.90
N LEU B 458 20.22 -21.54 1.47
CA LEU B 458 18.88 -21.47 2.00
C LEU B 458 18.73 -22.34 3.24
N HIS B 459 18.48 -21.70 4.39
CA HIS B 459 18.29 -22.43 5.63
C HIS B 459 16.82 -22.73 5.76
N THR B 460 16.50 -23.68 6.64
CA THR B 460 15.12 -24.03 6.93
C THR B 460 14.69 -22.99 7.96
N VAL B 461 13.51 -22.40 7.78
CA VAL B 461 13.07 -21.38 8.72
C VAL B 461 11.68 -21.61 9.30
N PHE B 462 10.94 -22.63 8.84
CA PHE B 462 9.58 -22.85 9.35
C PHE B 462 9.04 -24.25 9.66
N LYS B 463 9.63 -25.31 9.11
CA LYS B 463 9.16 -26.67 9.39
C LYS B 463 8.10 -26.89 10.47
N ASN B 464 6.97 -27.45 10.06
CA ASN B 464 5.84 -27.80 10.93
C ASN B 464 5.36 -26.85 12.05
N GLY B 465 4.85 -25.69 11.65
CA GLY B 465 4.33 -24.71 12.59
C GLY B 465 5.26 -23.97 13.52
N LYS B 466 6.53 -24.37 13.56
CA LYS B 466 7.48 -23.70 14.45
C LYS B 466 8.53 -22.93 13.67
N VAL B 467 8.95 -21.78 14.19
CA VAL B 467 9.98 -20.98 13.52
C VAL B 467 11.36 -21.47 13.91
N THR B 468 11.97 -22.24 13.03
CA THR B 468 13.29 -22.82 13.28
C THR B 468 14.52 -21.93 13.12
N LYS B 469 14.34 -20.64 12.87
CA LYS B 469 15.47 -19.72 12.71
C LYS B 469 15.04 -18.31 12.39
N SER B 470 15.32 -17.40 13.31
CA SER B 470 14.97 -15.99 13.13
C SER B 470 16.30 -15.26 13.09
N TYR B 471 16.28 -13.97 12.77
CA TYR B 471 17.51 -13.18 12.76
C TYR B 471 17.22 -11.88 13.49
N SER B 472 18.22 -11.33 14.16
CA SER B 472 18.03 -10.07 14.86
C SER B 472 18.15 -8.97 13.81
N PHE B 473 17.40 -7.88 14.00
CA PHE B 473 17.47 -6.79 13.04
C PHE B 473 18.90 -6.26 12.92
N ASP B 474 19.82 -6.85 13.68
CA ASP B 474 21.22 -6.42 13.64
C ASP B 474 21.96 -7.14 12.53
N GLU B 475 21.63 -8.43 12.37
CA GLU B 475 22.24 -9.25 11.36
C GLU B 475 21.67 -8.76 10.05
N VAL B 476 20.34 -8.64 10.04
CA VAL B 476 19.62 -8.15 8.87
C VAL B 476 20.33 -6.93 8.29
N ARG B 477 20.39 -5.88 9.08
CA ARG B 477 21.04 -4.65 8.68
C ARG B 477 22.39 -4.94 8.03
N LYS B 478 23.22 -5.65 8.78
CA LYS B 478 24.56 -6.03 8.38
C LYS B 478 24.69 -6.80 7.07
N ASN B 479 23.67 -7.58 6.73
CA ASN B 479 23.68 -8.34 5.47
C ASN B 479 23.38 -7.37 4.32
N ALA B 480 22.38 -6.52 4.56
CA ALA B 480 21.95 -5.53 3.60
C ALA B 480 22.87 -4.32 3.63
N GLN B 481 23.91 -4.40 4.46
CA GLN B 481 24.85 -3.29 4.56
C GLN B 481 25.47 -3.04 3.19
N LEU B 482 26.23 -1.96 3.06
CA LEU B 482 26.76 -1.65 1.75
C LEU B 482 28.20 -1.93 1.41
N ASN B 483 28.40 -2.03 0.09
CA ASN B 483 29.68 -2.26 -0.54
C ASN B 483 30.23 -3.66 -0.30
CAM IS1 C . -17.48 -13.24 -17.36
CAI IS1 C . -17.03 -12.48 -18.44
CAH IS1 C . -17.94 -11.79 -19.23
CAJ IS1 C . -19.29 -11.85 -18.94
CAN IS1 C . -19.75 -12.61 -17.87
CBE IS1 C . -18.83 -13.30 -17.07
CBC IS1 C . -19.34 -14.09 -15.87
OAB IS1 C . -20.17 -14.99 -16.02
NBK IS1 C . -18.91 -13.81 -14.64
CAY IS1 C . -19.46 -14.58 -13.49
CAW IS1 C . -18.40 -14.83 -12.42
CAX IS1 C . -17.93 -12.71 -14.49
CAV IS1 C . -16.91 -13.02 -13.39
CBF IS1 C . -16.99 -14.48 -12.89
CAU IS1 C . -15.96 -14.64 -11.77
CAS IS1 C . -14.64 -14.90 -12.52
CAR IS1 C . -13.43 -14.72 -11.63
CAT IS1 C . -12.90 -16.05 -11.12
NAZ IS1 C . -11.67 -15.75 -10.40
CBB IS1 C . -10.54 -15.48 -11.05
OAA IS1 C . -10.42 -15.51 -12.27
CAF IS1 C . -9.45 -15.19 -10.24
CAG IS1 C . -8.21 -15.00 -10.82
CBD IS1 C . -7.13 -14.71 -9.99
CAP IS1 C . -5.91 -14.42 -10.58
CAL IS1 C . -7.26 -14.59 -8.61
CAK IS1 C . -6.20 -14.22 -7.79
CAO IS1 C . -4.97 -13.93 -8.38
NBL IS1 C . -4.86 -14.01 -9.76
C1' IS1 C . -3.75 -13.34 -10.47
O4' IS1 C . -2.84 -12.51 -9.72
C4' IS1 C . -2.28 -11.69 -10.60
C5' IS1 C . -2.07 -10.26 -9.99
O5' IS1 C . -1.13 -9.53 -10.80
C3' IS1 C . -2.83 -12.10 -12.00
O3' IS1 C . -2.06 -12.63 -13.04
C2' IS1 C . -4.24 -12.31 -11.47
O2' IS1 C . -5.14 -12.85 -12.46
CAM IS1 D . 20.68 17.61 8.24
CAI IS1 D . 21.04 17.96 6.95
CAH IS1 D . 22.32 17.68 6.48
CAJ IS1 D . 23.25 17.07 7.32
CAN IS1 D . 22.89 16.73 8.61
CBE IS1 D . 21.61 17.01 9.08
CBC IS1 D . 21.22 16.61 10.51
OAB IS1 D . 21.57 17.29 11.47
NBK IS1 D . 20.48 15.52 10.71
CAY IS1 D . 20.04 15.18 12.08
CAW IS1 D . 18.55 14.84 12.08
CAX IS1 D . 20.08 14.70 9.55
CAV IS1 D . 18.59 14.37 9.64
CBF IS1 D . 17.93 15.20 10.73
CAU IS1 D . 16.44 14.89 10.69
CAS IS1 D . 15.58 16.13 10.96
CAR IS1 D . 14.15 15.79 10.54
CAT IS1 D . 13.11 16.67 11.21
NAZ IS1 D . 11.80 16.08 10.89
CBB IS1 D . 11.15 16.42 9.79
OAA IS1 D . 11.58 17.25 8.99
CAF IS1 D . 9.94 15.81 9.54
CAG IS1 D . 9.20 16.19 8.41
CBD IS1 D . 7.97 15.59 8.14
CAP IS1 D . 7.27 16.01 7.02
CAL IS1 D . 7.44 14.61 8.96
CAK IS1 D . 6.23 14.02 8.67
CAO IS1 D . 5.51 14.43 7.55
NBL IS1 D . 6.04 15.41 6.71
C1' IS1 D . 5.31 15.80 5.48
O4' IS1 D . 4.92 14.70 4.64
C4' IS1 D . 4.46 15.28 3.39
C5' IS1 D . 4.43 14.55 2.13
O5' IS1 D . 4.37 15.54 0.99
C3' IS1 D . 5.07 16.68 3.36
O3' IS1 D . 4.49 17.98 3.09
C2' IS1 D . 6.11 16.64 4.45
O2' IS1 D . 6.95 17.81 4.51
#